data_7KND
# 
_entry.id   7KND 
# 
_audit_conform.dict_name       mmcif_pdbx.dic 
_audit_conform.dict_version    5.380 
_audit_conform.dict_location   http://mmcif.pdb.org/dictionaries/ascii/mmcif_pdbx.dic 
# 
loop_
_database_2.database_id 
_database_2.database_code 
_database_2.pdbx_database_accession 
_database_2.pdbx_DOI 
PDB   7KND         pdb_00007knd 10.2210/pdb7knd/pdb 
WWPDB D_1000252746 ?            ?                   
# 
_pdbx_database_status.status_code                     REL 
_pdbx_database_status.status_code_sf                  REL 
_pdbx_database_status.status_code_mr                  ? 
_pdbx_database_status.entry_id                        7KND 
_pdbx_database_status.recvd_initial_deposition_date   2020-11-04 
_pdbx_database_status.SG_entry                        N 
_pdbx_database_status.deposit_site                    RCSB 
_pdbx_database_status.process_site                    RCSB 
_pdbx_database_status.status_code_cs                  ? 
_pdbx_database_status.status_code_nmr_data            ? 
_pdbx_database_status.methods_development_category    ? 
_pdbx_database_status.pdb_format_compatible           Y 
# 
loop_
_audit_author.name 
_audit_author.pdbx_ordinal 
_audit_author.identifier_ORCID 
'Katti, S.S.' 1 0000-0001-6878-6474 
'Krieger, I.' 2 0000-0001-7144-3069 
# 
_citation.abstract                  ? 
_citation.abstract_id_CAS           ? 
_citation.book_id_ISBN              ? 
_citation.book_publisher            ? 
_citation.book_publisher_city       ? 
_citation.book_title                ? 
_citation.coordinate_linkage        ? 
_citation.country                   UK 
_citation.database_id_Medline       ? 
_citation.details                   ? 
_citation.id                        primary 
_citation.journal_abbrev            'Nat Commun' 
_citation.journal_id_ASTM           ? 
_citation.journal_id_CSD            ? 
_citation.journal_id_ISSN           2041-1723 
_citation.journal_full              ? 
_citation.journal_issue             ? 
_citation.journal_volume            13 
_citation.language                  ? 
_citation.page_first                2695 
_citation.page_last                 2695 
_citation.title                     
'Structural anatomy of Protein Kinase C C1 domain interactions with diacylglycerol and other agonists.' 
_citation.year                      2022 
_citation.database_id_CSD           ? 
_citation.pdbx_database_id_DOI      10.1038/s41467-022-30389-2 
_citation.pdbx_database_id_PubMed   35577811 
_citation.unpublished_flag          ? 
# 
loop_
_citation_author.citation_id 
_citation_author.name 
_citation_author.ordinal 
_citation_author.identifier_ORCID 
primary 'Katti, S.S.'       1 ?                   
primary 'Krieger, I.V.'     2 0000-0001-7144-3069 
primary 'Ann, J.'           3 0000-0002-5043-8014 
primary 'Lee, J.'           4 0000-0002-7832-6719 
primary 'Sacchettini, J.C.' 5 0000-0001-5767-2367 
primary 'Igumenova, T.I.'   6 0000-0003-3772-7484 
# 
_cell.angle_alpha                  90.000 
_cell.angle_alpha_esd              ? 
_cell.angle_beta                   90.000 
_cell.angle_beta_esd               ? 
_cell.angle_gamma                  90.000 
_cell.angle_gamma_esd              ? 
_cell.entry_id                     7KND 
_cell.details                      ? 
_cell.formula_units_Z              ? 
_cell.length_a                     37.264 
_cell.length_a_esd                 ? 
_cell.length_b                     37.264 
_cell.length_b_esd                 ? 
_cell.length_c                     31.888 
_cell.length_c_esd                 ? 
_cell.volume                       ? 
_cell.volume_esd                   ? 
_cell.Z_PDB                        4 
_cell.reciprocal_angle_alpha       ? 
_cell.reciprocal_angle_beta        ? 
_cell.reciprocal_angle_gamma       ? 
_cell.reciprocal_angle_alpha_esd   ? 
_cell.reciprocal_angle_beta_esd    ? 
_cell.reciprocal_angle_gamma_esd   ? 
_cell.reciprocal_length_a          ? 
_cell.reciprocal_length_b          ? 
_cell.reciprocal_length_c          ? 
_cell.reciprocal_length_a_esd      ? 
_cell.reciprocal_length_b_esd      ? 
_cell.reciprocal_length_c_esd      ? 
_cell.pdbx_unique_axis             ? 
# 
_symmetry.entry_id                         7KND 
_symmetry.cell_setting                     ? 
_symmetry.Int_Tables_number                76 
_symmetry.space_group_name_Hall            ? 
_symmetry.space_group_name_H-M             'P 41' 
_symmetry.pdbx_full_space_group_name_H-M   ? 
# 
loop_
_entity.id 
_entity.type 
_entity.src_method 
_entity.pdbx_description 
_entity.formula_weight 
_entity.pdbx_number_of_molecules 
_entity.pdbx_ec 
_entity.pdbx_mutation 
_entity.pdbx_fragment 
_entity.details 
1 polymer     man 'Protein kinase C delta type' 6097.217 1  ? ? 'C1B domain' ? 
2 non-polymer syn 'ZINC ION'                    65.409   2  ? ? ?            ? 
3 water       nat water                         18.015   26 ? ? ?            ? 
# 
_entity_name_com.entity_id   1 
_entity_name_com.name        nPKC-delta 
# 
_entity_poly.entity_id                      1 
_entity_poly.type                           'polypeptide(L)' 
_entity_poly.nstd_linkage                   no 
_entity_poly.nstd_monomer                   no 
_entity_poly.pdbx_seq_one_letter_code       MPHRFKVYNYMSPTFCDHCGSLLWGLVKQGLKCEDCGMNVHHKCREKVANLCG 
_entity_poly.pdbx_seq_one_letter_code_can   MPHRFKVYNYMSPTFCDHCGSLLWGLVKQGLKCEDCGMNVHHKCREKVANLCG 
_entity_poly.pdbx_strand_id                 A 
_entity_poly.pdbx_target_identifier         ? 
# 
loop_
_entity_poly_seq.entity_id 
_entity_poly_seq.num 
_entity_poly_seq.mon_id 
_entity_poly_seq.hetero 
1 1  MET n 
1 2  PRO n 
1 3  HIS n 
1 4  ARG n 
1 5  PHE n 
1 6  LYS n 
1 7  VAL n 
1 8  TYR n 
1 9  ASN n 
1 10 TYR n 
1 11 MET n 
1 12 SER n 
1 13 PRO n 
1 14 THR n 
1 15 PHE n 
1 16 CYS n 
1 17 ASP n 
1 18 HIS n 
1 19 CYS n 
1 20 GLY n 
1 21 SER n 
1 22 LEU n 
1 23 LEU n 
1 24 TRP n 
1 25 GLY n 
1 26 LEU n 
1 27 VAL n 
1 28 LYS n 
1 29 GLN n 
1 30 GLY n 
1 31 LEU n 
1 32 LYS n 
1 33 CYS n 
1 34 GLU n 
1 35 ASP n 
1 36 CYS n 
1 37 GLY n 
1 38 MET n 
1 39 ASN n 
1 40 VAL n 
1 41 HIS n 
1 42 HIS n 
1 43 LYS n 
1 44 CYS n 
1 45 ARG n 
1 46 GLU n 
1 47 LYS n 
1 48 VAL n 
1 49 ALA n 
1 50 ASN n 
1 51 LEU n 
1 52 CYS n 
1 53 GLY n 
# 
_entity_src_gen.entity_id                          1 
_entity_src_gen.pdbx_src_id                        1 
_entity_src_gen.pdbx_alt_source_flag               sample 
_entity_src_gen.pdbx_seq_type                      'Biological sequence' 
_entity_src_gen.pdbx_beg_seq_num                   1 
_entity_src_gen.pdbx_end_seq_num                   53 
_entity_src_gen.gene_src_common_name               Rat 
_entity_src_gen.gene_src_genus                     ? 
_entity_src_gen.pdbx_gene_src_gene                 'Prkcd, rCG_42255' 
_entity_src_gen.gene_src_species                   ? 
_entity_src_gen.gene_src_strain                    ? 
_entity_src_gen.gene_src_tissue                    ? 
_entity_src_gen.gene_src_tissue_fraction           ? 
_entity_src_gen.gene_src_details                   ? 
_entity_src_gen.pdbx_gene_src_fragment             ? 
_entity_src_gen.pdbx_gene_src_scientific_name      'Rattus norvegicus' 
_entity_src_gen.pdbx_gene_src_ncbi_taxonomy_id     10116 
_entity_src_gen.pdbx_gene_src_variant              ? 
_entity_src_gen.pdbx_gene_src_cell_line            ? 
_entity_src_gen.pdbx_gene_src_atcc                 ? 
_entity_src_gen.pdbx_gene_src_organ                ? 
_entity_src_gen.pdbx_gene_src_organelle            ? 
_entity_src_gen.pdbx_gene_src_cell                 ? 
_entity_src_gen.pdbx_gene_src_cellular_location    ? 
_entity_src_gen.host_org_common_name               ? 
_entity_src_gen.pdbx_host_org_scientific_name      'Escherichia coli BL21(DE3)' 
_entity_src_gen.pdbx_host_org_ncbi_taxonomy_id     469008 
_entity_src_gen.host_org_genus                     ? 
_entity_src_gen.pdbx_host_org_gene                 ? 
_entity_src_gen.pdbx_host_org_organ                ? 
_entity_src_gen.host_org_species                   ? 
_entity_src_gen.pdbx_host_org_tissue               ? 
_entity_src_gen.pdbx_host_org_tissue_fraction      ? 
_entity_src_gen.pdbx_host_org_strain               ? 
_entity_src_gen.pdbx_host_org_variant              ? 
_entity_src_gen.pdbx_host_org_cell_line            ? 
_entity_src_gen.pdbx_host_org_atcc                 ? 
_entity_src_gen.pdbx_host_org_culture_collection   ? 
_entity_src_gen.pdbx_host_org_cell                 ? 
_entity_src_gen.pdbx_host_org_organelle            ? 
_entity_src_gen.pdbx_host_org_cellular_location    ? 
_entity_src_gen.pdbx_host_org_vector_type          ? 
_entity_src_gen.pdbx_host_org_vector               ? 
_entity_src_gen.host_org_details                   ? 
_entity_src_gen.expression_system_id               ? 
_entity_src_gen.plasmid_name                       ? 
_entity_src_gen.plasmid_details                    ? 
_entity_src_gen.pdbx_description                   ? 
# 
_struct_ref.id                         1 
_struct_ref.db_name                    UNP 
_struct_ref.db_code                    A0A140UHX0_RAT 
_struct_ref.pdbx_db_accession          A0A140UHX0 
_struct_ref.pdbx_db_isoform            ? 
_struct_ref.entity_id                  1 
_struct_ref.pdbx_seq_one_letter_code   MPHRFKVYNYMSPTFCDHCGSLLWGLVKQGLKCEDCGMNVHHKCREKVANLCG 
_struct_ref.pdbx_align_begin           229 
# 
_struct_ref_seq.align_id                      1 
_struct_ref_seq.ref_id                        1 
_struct_ref_seq.pdbx_PDB_id_code              7KND 
_struct_ref_seq.pdbx_strand_id                A 
_struct_ref_seq.seq_align_beg                 1 
_struct_ref_seq.pdbx_seq_align_beg_ins_code   ? 
_struct_ref_seq.seq_align_end                 53 
_struct_ref_seq.pdbx_seq_align_end_ins_code   ? 
_struct_ref_seq.pdbx_db_accession             A0A140UHX0 
_struct_ref_seq.db_align_beg                  229 
_struct_ref_seq.pdbx_db_align_beg_ins_code    ? 
_struct_ref_seq.db_align_end                  281 
_struct_ref_seq.pdbx_db_align_end_ins_code    ? 
_struct_ref_seq.pdbx_auth_seq_align_beg       229 
_struct_ref_seq.pdbx_auth_seq_align_end       281 
# 
loop_
_chem_comp.id 
_chem_comp.type 
_chem_comp.mon_nstd_flag 
_chem_comp.name 
_chem_comp.pdbx_synonyms 
_chem_comp.formula 
_chem_comp.formula_weight 
ALA 'L-peptide linking' y ALANINE         ? 'C3 H7 N O2'     89.093  
ARG 'L-peptide linking' y ARGININE        ? 'C6 H15 N4 O2 1' 175.209 
ASN 'L-peptide linking' y ASPARAGINE      ? 'C4 H8 N2 O3'    132.118 
ASP 'L-peptide linking' y 'ASPARTIC ACID' ? 'C4 H7 N O4'     133.103 
CYS 'L-peptide linking' y CYSTEINE        ? 'C3 H7 N O2 S'   121.158 
GLN 'L-peptide linking' y GLUTAMINE       ? 'C5 H10 N2 O3'   146.144 
GLU 'L-peptide linking' y 'GLUTAMIC ACID' ? 'C5 H9 N O4'     147.129 
GLY 'peptide linking'   y GLYCINE         ? 'C2 H5 N O2'     75.067  
HIS 'L-peptide linking' y HISTIDINE       ? 'C6 H10 N3 O2 1' 156.162 
HOH non-polymer         . WATER           ? 'H2 O'           18.015  
LEU 'L-peptide linking' y LEUCINE         ? 'C6 H13 N O2'    131.173 
LYS 'L-peptide linking' y LYSINE          ? 'C6 H15 N2 O2 1' 147.195 
MET 'L-peptide linking' y METHIONINE      ? 'C5 H11 N O2 S'  149.211 
PHE 'L-peptide linking' y PHENYLALANINE   ? 'C9 H11 N O2'    165.189 
PRO 'L-peptide linking' y PROLINE         ? 'C5 H9 N O2'     115.130 
SER 'L-peptide linking' y SERINE          ? 'C3 H7 N O3'     105.093 
THR 'L-peptide linking' y THREONINE       ? 'C4 H9 N O3'     119.119 
TRP 'L-peptide linking' y TRYPTOPHAN      ? 'C11 H12 N2 O2'  204.225 
TYR 'L-peptide linking' y TYROSINE        ? 'C9 H11 N O3'    181.189 
VAL 'L-peptide linking' y VALINE          ? 'C5 H11 N O2'    117.146 
ZN  non-polymer         . 'ZINC ION'      ? 'Zn 2'           65.409  
# 
_exptl.absorpt_coefficient_mu     ? 
_exptl.absorpt_correction_T_max   ? 
_exptl.absorpt_correction_T_min   ? 
_exptl.absorpt_correction_type    ? 
_exptl.absorpt_process_details    ? 
_exptl.entry_id                   7KND 
_exptl.crystals_number            1 
_exptl.details                    ? 
_exptl.method                     'X-RAY DIFFRACTION' 
_exptl.method_details             ? 
# 
_exptl_crystal.colour                      ? 
_exptl_crystal.density_diffrn              ? 
_exptl_crystal.density_Matthews            1.82 
_exptl_crystal.density_method              ? 
_exptl_crystal.density_percent_sol         32.25 
_exptl_crystal.description                 ? 
_exptl_crystal.F_000                       ? 
_exptl_crystal.id                          1 
_exptl_crystal.preparation                 ? 
_exptl_crystal.size_max                    ? 
_exptl_crystal.size_mid                    ? 
_exptl_crystal.size_min                    ? 
_exptl_crystal.size_rad                    ? 
_exptl_crystal.colour_lustre               ? 
_exptl_crystal.colour_modifier             ? 
_exptl_crystal.colour_primary              ? 
_exptl_crystal.density_meas                ? 
_exptl_crystal.density_meas_esd            ? 
_exptl_crystal.density_meas_gt             ? 
_exptl_crystal.density_meas_lt             ? 
_exptl_crystal.density_meas_temp           ? 
_exptl_crystal.density_meas_temp_esd       ? 
_exptl_crystal.density_meas_temp_gt        ? 
_exptl_crystal.density_meas_temp_lt        ? 
_exptl_crystal.pdbx_crystal_image_url      ? 
_exptl_crystal.pdbx_crystal_image_format   ? 
_exptl_crystal.pdbx_mosaicity              ? 
_exptl_crystal.pdbx_mosaicity_esd          ? 
# 
_exptl_crystal_grow.apparatus       ? 
_exptl_crystal_grow.atmosphere      ? 
_exptl_crystal_grow.crystal_id      1 
_exptl_crystal_grow.details         ? 
_exptl_crystal_grow.method          'VAPOR DIFFUSION, HANGING DROP' 
_exptl_crystal_grow.method_ref      ? 
_exptl_crystal_grow.pH              6.5 
_exptl_crystal_grow.pressure        ? 
_exptl_crystal_grow.pressure_esd    ? 
_exptl_crystal_grow.seeding         ? 
_exptl_crystal_grow.seeding_ref     ? 
_exptl_crystal_grow.temp            277.15 
_exptl_crystal_grow.temp_details    ? 
_exptl_crystal_grow.temp_esd        ? 
_exptl_crystal_grow.time            ? 
_exptl_crystal_grow.pdbx_details    
;Screen: 
0.2 M Ammonium acetate,
0.1 M Sodium phosphate,
30% Isopropanol,
pH 6.8,

Drop condition:
Protein: 1.2 mM in MES pH 6.5, 150 mM KCl
;
_exptl_crystal_grow.pdbx_pH_range   ? 
# 
_diffrn.ambient_environment              ? 
_diffrn.ambient_temp                     120 
_diffrn.ambient_temp_details             ? 
_diffrn.ambient_temp_esd                 ? 
_diffrn.crystal_id                       1 
_diffrn.crystal_support                  ? 
_diffrn.crystal_treatment                ? 
_diffrn.details                          ? 
_diffrn.id                               1 
_diffrn.ambient_pressure                 ? 
_diffrn.ambient_pressure_esd             ? 
_diffrn.ambient_pressure_gt              ? 
_diffrn.ambient_pressure_lt              ? 
_diffrn.ambient_temp_gt                  ? 
_diffrn.ambient_temp_lt                  ? 
_diffrn.pdbx_serial_crystal_experiment   N 
# 
_diffrn_detector.details                      ? 
_diffrn_detector.detector                     PIXEL 
_diffrn_detector.diffrn_id                    1 
_diffrn_detector.type                         'Bruker PHOTON II' 
_diffrn_detector.area_resol_mean              ? 
_diffrn_detector.dtime                        ? 
_diffrn_detector.pdbx_frames_total            ? 
_diffrn_detector.pdbx_collection_time_total   ? 
_diffrn_detector.pdbx_collection_date         2020-07-20 
_diffrn_detector.pdbx_frequency               ? 
# 
_diffrn_radiation.collimation                      ? 
_diffrn_radiation.diffrn_id                        1 
_diffrn_radiation.filter_edge                      ? 
_diffrn_radiation.inhomogeneity                    ? 
_diffrn_radiation.monochromator                    ? 
_diffrn_radiation.polarisn_norm                    ? 
_diffrn_radiation.polarisn_ratio                   ? 
_diffrn_radiation.probe                            ? 
_diffrn_radiation.type                             ? 
_diffrn_radiation.xray_symbol                      ? 
_diffrn_radiation.wavelength_id                    1 
_diffrn_radiation.pdbx_monochromatic_or_laue_m_l   M 
_diffrn_radiation.pdbx_wavelength_list             ? 
_diffrn_radiation.pdbx_wavelength                  ? 
_diffrn_radiation.pdbx_diffrn_protocol             'SINGLE WAVELENGTH' 
_diffrn_radiation.pdbx_analyzer                    ? 
_diffrn_radiation.pdbx_scattering_type             x-ray 
# 
_diffrn_radiation_wavelength.id           1 
_diffrn_radiation_wavelength.wavelength   1.54 
_diffrn_radiation_wavelength.wt           1.0 
# 
_diffrn_source.current                     ? 
_diffrn_source.details                     ? 
_diffrn_source.diffrn_id                   1 
_diffrn_source.power                       ? 
_diffrn_source.size                        ? 
_diffrn_source.source                      'ROTATING ANODE' 
_diffrn_source.target                      ? 
_diffrn_source.type                        'BRUKER X8 PROTEUM' 
_diffrn_source.voltage                     ? 
_diffrn_source.take-off_angle              ? 
_diffrn_source.pdbx_wavelength_list        1.54 
_diffrn_source.pdbx_wavelength             ? 
_diffrn_source.pdbx_synchrotron_beamline   ? 
_diffrn_source.pdbx_synchrotron_site       ? 
# 
_reflns.B_iso_Wilson_estimate            ? 
_reflns.entry_id                         7KND 
_reflns.data_reduction_details           ? 
_reflns.data_reduction_method            ? 
_reflns.d_resolution_high                1.390 
_reflns.d_resolution_low                 37.260 
_reflns.details                          ? 
_reflns.limit_h_max                      ? 
_reflns.limit_h_min                      ? 
_reflns.limit_k_max                      ? 
_reflns.limit_k_min                      ? 
_reflns.limit_l_max                      ? 
_reflns.limit_l_min                      ? 
_reflns.number_all                       ? 
_reflns.number_obs                       8924 
_reflns.observed_criterion               ? 
_reflns.observed_criterion_F_max         ? 
_reflns.observed_criterion_F_min         ? 
_reflns.observed_criterion_I_max         ? 
_reflns.observed_criterion_I_min         ? 
_reflns.observed_criterion_sigma_F       ? 
_reflns.observed_criterion_sigma_I       ? 
_reflns.percent_possible_obs             100.000 
_reflns.R_free_details                   ? 
_reflns.Rmerge_F_all                     ? 
_reflns.Rmerge_F_obs                     ? 
_reflns.Friedel_coverage                 ? 
_reflns.number_gt                        ? 
_reflns.threshold_expression             ? 
_reflns.pdbx_redundancy                  6.300 
_reflns.pdbx_Rmerge_I_obs                0.056 
_reflns.pdbx_Rmerge_I_all                ? 
_reflns.pdbx_Rsym_value                  ? 
_reflns.pdbx_netI_over_av_sigmaI         ? 
_reflns.pdbx_netI_over_sigmaI            15.000 
_reflns.pdbx_res_netI_over_av_sigmaI_2   ? 
_reflns.pdbx_res_netI_over_sigmaI_2      ? 
_reflns.pdbx_chi_squared                 ? 
_reflns.pdbx_scaling_rejects             6 
_reflns.pdbx_d_res_high_opt              ? 
_reflns.pdbx_d_res_low_opt               ? 
_reflns.pdbx_d_res_opt_method            ? 
_reflns.phase_calculation_details        ? 
_reflns.pdbx_Rrim_I_all                  0.062 
_reflns.pdbx_Rpim_I_all                  0.025 
_reflns.pdbx_d_opt                       ? 
_reflns.pdbx_number_measured_all         56048 
_reflns.pdbx_diffrn_id                   1 
_reflns.pdbx_ordinal                     1 
_reflns.pdbx_CC_half                     0.995 
_reflns.pdbx_CC_star                     ? 
_reflns.pdbx_R_split                     ? 
# 
loop_
_reflns_shell.d_res_high 
_reflns_shell.d_res_low 
_reflns_shell.meanI_over_sigI_all 
_reflns_shell.meanI_over_sigI_obs 
_reflns_shell.number_measured_all 
_reflns_shell.number_measured_obs 
_reflns_shell.number_possible 
_reflns_shell.number_unique_all 
_reflns_shell.number_unique_obs 
_reflns_shell.percent_possible_all 
_reflns_shell.percent_possible_obs 
_reflns_shell.Rmerge_F_all 
_reflns_shell.Rmerge_F_obs 
_reflns_shell.Rmerge_I_all 
_reflns_shell.Rmerge_I_obs 
_reflns_shell.meanI_over_sigI_gt 
_reflns_shell.meanI_over_uI_all 
_reflns_shell.meanI_over_uI_gt 
_reflns_shell.number_measured_gt 
_reflns_shell.number_unique_gt 
_reflns_shell.percent_possible_gt 
_reflns_shell.Rmerge_F_gt 
_reflns_shell.Rmerge_I_gt 
_reflns_shell.pdbx_redundancy 
_reflns_shell.pdbx_Rsym_value 
_reflns_shell.pdbx_chi_squared 
_reflns_shell.pdbx_netI_over_sigmaI_all 
_reflns_shell.pdbx_netI_over_sigmaI_obs 
_reflns_shell.pdbx_Rrim_I_all 
_reflns_shell.pdbx_Rpim_I_all 
_reflns_shell.pdbx_rejects 
_reflns_shell.pdbx_ordinal 
_reflns_shell.pdbx_diffrn_id 
_reflns_shell.pdbx_CC_half 
_reflns_shell.pdbx_CC_star 
_reflns_shell.pdbx_R_split 
1.390 1.410  ? ? 1831 ? ? ? 430 100.000 ? ? ? ? 1.659 ? ? ? ? ? ? ? ? 4.300 ? ? ? 0.800  1.895 0.905 ? 1 1 0.522 ? ? 
7.610 37.260 ? ? 389  ? ? ? 64  99.500  ? ? ? ? 0.051 ? ? ? ? ? ? ? ? 6.100 ? ? ? 42.400 0.056 0.023 ? 2 1 0.993 ? ? 
# 
_refine.aniso_B[1][1]                            ? 
_refine.aniso_B[1][2]                            ? 
_refine.aniso_B[1][3]                            ? 
_refine.aniso_B[2][2]                            ? 
_refine.aniso_B[2][3]                            ? 
_refine.aniso_B[3][3]                            ? 
_refine.B_iso_max                                61.550 
_refine.B_iso_mean                               31.9641 
_refine.B_iso_min                                17.200 
_refine.correlation_coeff_Fo_to_Fc               ? 
_refine.correlation_coeff_Fo_to_Fc_free          ? 
_refine.details                                  ? 
_refine.diff_density_max                         ? 
_refine.diff_density_max_esd                     ? 
_refine.diff_density_min                         ? 
_refine.diff_density_min_esd                     ? 
_refine.diff_density_rms                         ? 
_refine.diff_density_rms_esd                     ? 
_refine.entry_id                                 7KND 
_refine.pdbx_refine_id                           'X-RAY DIFFRACTION' 
_refine.ls_abs_structure_details                 ? 
_refine.ls_abs_structure_Flack                   ? 
_refine.ls_abs_structure_Flack_esd               ? 
_refine.ls_abs_structure_Rogers                  ? 
_refine.ls_abs_structure_Rogers_esd              ? 
_refine.ls_d_res_high                            1.3900 
_refine.ls_d_res_low                             37.2600 
_refine.ls_extinction_coef                       ? 
_refine.ls_extinction_coef_esd                   ? 
_refine.ls_extinction_expression                 ? 
_refine.ls_extinction_method                     ? 
_refine.ls_goodness_of_fit_all                   ? 
_refine.ls_goodness_of_fit_all_esd               ? 
_refine.ls_goodness_of_fit_obs                   ? 
_refine.ls_goodness_of_fit_obs_esd               ? 
_refine.ls_hydrogen_treatment                    ? 
_refine.ls_matrix_type                           ? 
_refine.ls_number_constraints                    ? 
_refine.ls_number_parameters                     ? 
_refine.ls_number_reflns_all                     ? 
_refine.ls_number_reflns_obs                     8897 
_refine.ls_number_reflns_R_free                  881 
_refine.ls_number_reflns_R_work                  8016 
_refine.ls_number_restraints                     ? 
_refine.ls_percent_reflns_obs                    99.8900 
_refine.ls_percent_reflns_R_free                 9.9000 
_refine.ls_R_factor_all                          ? 
_refine.ls_R_factor_obs                          0.2196 
_refine.ls_R_factor_R_free                       0.2464 
_refine.ls_R_factor_R_free_error                 ? 
_refine.ls_R_factor_R_free_error_details         ? 
_refine.ls_R_factor_R_work                       0.2165 
_refine.ls_R_Fsqd_factor_obs                     ? 
_refine.ls_R_I_factor_obs                        ? 
_refine.ls_redundancy_reflns_all                 ? 
_refine.ls_redundancy_reflns_obs                 ? 
_refine.ls_restrained_S_all                      ? 
_refine.ls_restrained_S_obs                      ? 
_refine.ls_shift_over_esd_max                    ? 
_refine.ls_shift_over_esd_mean                   ? 
_refine.ls_structure_factor_coef                 ? 
_refine.ls_weighting_details                     ? 
_refine.ls_weighting_scheme                      ? 
_refine.ls_wR_factor_all                         ? 
_refine.ls_wR_factor_obs                         ? 
_refine.ls_wR_factor_R_free                      ? 
_refine.ls_wR_factor_R_work                      ? 
_refine.occupancy_max                            ? 
_refine.occupancy_min                            ? 
_refine.solvent_model_details                    'FLAT BULK SOLVENT MODEL' 
_refine.solvent_model_param_bsol                 ? 
_refine.solvent_model_param_ksol                 ? 
_refine.pdbx_R_complete                          ? 
_refine.ls_R_factor_gt                           ? 
_refine.ls_goodness_of_fit_gt                    ? 
_refine.ls_goodness_of_fit_ref                   ? 
_refine.ls_shift_over_su_max                     ? 
_refine.ls_shift_over_su_max_lt                  ? 
_refine.ls_shift_over_su_mean                    ? 
_refine.ls_shift_over_su_mean_lt                 ? 
_refine.pdbx_ls_sigma_I                          ? 
_refine.pdbx_ls_sigma_F                          1.350 
_refine.pdbx_ls_sigma_Fsqd                       ? 
_refine.pdbx_data_cutoff_high_absF               ? 
_refine.pdbx_data_cutoff_high_rms_absF           ? 
_refine.pdbx_data_cutoff_low_absF                ? 
_refine.pdbx_isotropic_thermal_model             ? 
_refine.pdbx_ls_cross_valid_method               THROUGHOUT 
_refine.pdbx_method_to_determine_struct          'MOLECULAR REPLACEMENT' 
_refine.pdbx_starting_model                      1ptq 
_refine.pdbx_stereochemistry_target_values       ML 
_refine.pdbx_R_Free_selection_details            ? 
_refine.pdbx_stereochem_target_val_spec_case     ? 
_refine.pdbx_overall_ESU_R                       ? 
_refine.pdbx_overall_ESU_R_Free                  ? 
_refine.pdbx_solvent_vdw_probe_radii             1.1100 
_refine.pdbx_solvent_ion_probe_radii             ? 
_refine.pdbx_solvent_shrinkage_radii             0.9000 
_refine.pdbx_real_space_R                        ? 
_refine.pdbx_density_correlation                 ? 
_refine.pdbx_pd_number_of_powder_patterns        ? 
_refine.pdbx_pd_number_of_points                 ? 
_refine.pdbx_pd_meas_number_of_points            ? 
_refine.pdbx_pd_proc_ls_prof_R_factor            ? 
_refine.pdbx_pd_proc_ls_prof_wR_factor           ? 
_refine.pdbx_pd_Marquardt_correlation_coeff      ? 
_refine.pdbx_pd_Fsqrd_R_factor                   ? 
_refine.pdbx_pd_ls_matrix_band_width             ? 
_refine.pdbx_overall_phase_error                 40.4000 
_refine.pdbx_overall_SU_R_free_Cruickshank_DPI   ? 
_refine.pdbx_overall_SU_R_free_Blow_DPI          ? 
_refine.pdbx_overall_SU_R_Blow_DPI               ? 
_refine.pdbx_TLS_residual_ADP_flag               ? 
_refine.pdbx_diffrn_id                           1 
_refine.overall_SU_B                             ? 
_refine.overall_SU_ML                            0.1700 
_refine.overall_SU_R_Cruickshank_DPI             ? 
_refine.overall_SU_R_free                        ? 
_refine.overall_FOM_free_R_set                   ? 
_refine.overall_FOM_work_R_set                   ? 
_refine.pdbx_average_fsc_overall                 ? 
_refine.pdbx_average_fsc_work                    ? 
_refine.pdbx_average_fsc_free                    ? 
# 
_refine_hist.pdbx_refine_id                   'X-RAY DIFFRACTION' 
_refine_hist.cycle_id                         final 
_refine_hist.details                          ? 
_refine_hist.d_res_high                       1.3900 
_refine_hist.d_res_low                        37.2600 
_refine_hist.number_atoms_solvent             26 
_refine_hist.number_atoms_total               445 
_refine_hist.number_reflns_all                ? 
_refine_hist.number_reflns_obs                ? 
_refine_hist.number_reflns_R_free             ? 
_refine_hist.number_reflns_R_work             ? 
_refine_hist.R_factor_all                     ? 
_refine_hist.R_factor_obs                     ? 
_refine_hist.R_factor_R_free                  ? 
_refine_hist.R_factor_R_work                  ? 
_refine_hist.pdbx_number_residues_total       52 
_refine_hist.pdbx_B_iso_mean_ligand           25.95 
_refine_hist.pdbx_B_iso_mean_solvent          33.33 
_refine_hist.pdbx_number_atoms_protein        417 
_refine_hist.pdbx_number_atoms_nucleic_acid   0 
_refine_hist.pdbx_number_atoms_ligand         2 
_refine_hist.pdbx_number_atoms_lipid          ? 
_refine_hist.pdbx_number_atoms_carb           ? 
_refine_hist.pdbx_pseudo_atom_details         ? 
# 
loop_
_refine_ls_restr.type 
_refine_ls_restr.dev_ideal 
_refine_ls_restr.dev_ideal_target 
_refine_ls_restr.weight 
_refine_ls_restr.number 
_refine_ls_restr.pdbx_refine_id 
_refine_ls_restr.pdbx_restraint_function 
f_bond_d           0.009 ? ? 434 'X-RAY DIFFRACTION' ? 
f_angle_d          1.354 ? ? 583 'X-RAY DIFFRACTION' ? 
f_dihedral_angle_d 8.219 ? ? 58  'X-RAY DIFFRACTION' ? 
f_chiral_restr     0.100 ? ? 59  'X-RAY DIFFRACTION' ? 
f_plane_restr      0.009 ? ? 74  'X-RAY DIFFRACTION' ? 
# 
loop_
_refine_ls_shell.pdbx_refine_id 
_refine_ls_shell.d_res_high 
_refine_ls_shell.d_res_low 
_refine_ls_shell.number_reflns_all 
_refine_ls_shell.number_reflns_obs 
_refine_ls_shell.number_reflns_R_free 
_refine_ls_shell.number_reflns_R_work 
_refine_ls_shell.percent_reflns_obs 
_refine_ls_shell.percent_reflns_R_free 
_refine_ls_shell.R_factor_all 
_refine_ls_shell.R_factor_obs 
_refine_ls_shell.R_factor_R_free 
_refine_ls_shell.R_factor_R_free_error 
_refine_ls_shell.R_factor_R_work 
_refine_ls_shell.redundancy_reflns_all 
_refine_ls_shell.redundancy_reflns_obs 
_refine_ls_shell.wR_factor_all 
_refine_ls_shell.wR_factor_obs 
_refine_ls_shell.wR_factor_R_free 
_refine_ls_shell.wR_factor_R_work 
_refine_ls_shell.pdbx_R_complete 
_refine_ls_shell.pdbx_total_number_of_bins_used 
_refine_ls_shell.pdbx_phase_error 
_refine_ls_shell.pdbx_fsc_work 
_refine_ls_shell.pdbx_fsc_free 
'X-RAY DIFFRACTION' 1.3900 1.4800  1461 . 146 1315 100.0000 . . . 0.3641 0.0000 0.3329 . . . . . . . 6 . . . 
'X-RAY DIFFRACTION' 1.4800 1.5900  1472 . 148 1324 100.0000 . . . 0.3029 0.0000 0.2569 . . . . . . . 6 . . . 
'X-RAY DIFFRACTION' 1.5900 1.7500  1474 . 147 1327 100.0000 . . . 0.2698 0.0000 0.2800 . . . . . . . 6 . . . 
'X-RAY DIFFRACTION' 1.7500 2.0000  1472 . 142 1330 100.0000 . . . 0.2622 0.0000 0.2652 . . . . . . . 6 . . . 
'X-RAY DIFFRACTION' 2.0000 2.5200  1490 . 144 1346 100.0000 . . . 0.2636 0.0000 0.2417 . . . . . . . 6 . . . 
'X-RAY DIFFRACTION' 2.5300 37.2600 1528 . 154 1374 100.0000 . . . 0.2251 0.0000 0.1804 . . . . . . . 6 . . . 
# 
_struct.entry_id                     7KND 
_struct.title                        'C1B domain of Protein kinase C in apo form' 
_struct.pdbx_model_details           ? 
_struct.pdbx_formula_weight          ? 
_struct.pdbx_formula_weight_method   ? 
_struct.pdbx_model_type_details      ? 
_struct.pdbx_CASP_flag               N 
# 
_struct_keywords.entry_id        7KND 
_struct_keywords.text            'C1, lipid-binding, diacylglycerol-binding, Zn2+ finger, LIPID BINDING PROTEIN' 
_struct_keywords.pdbx_keywords   'LIPID BINDING PROTEIN' 
# 
loop_
_struct_asym.id 
_struct_asym.pdbx_blank_PDB_chainid_flag 
_struct_asym.pdbx_modified 
_struct_asym.entity_id 
_struct_asym.details 
A N N 1 ? 
B N N 2 ? 
C N N 2 ? 
D N N 3 ? 
# 
_struct_conf.conf_type_id            HELX_P 
_struct_conf.id                      HELX_P1 
_struct_conf.pdbx_PDB_helix_id       AA1 
_struct_conf.beg_label_comp_id       HIS 
_struct_conf.beg_label_asym_id       A 
_struct_conf.beg_label_seq_id        41 
_struct_conf.pdbx_beg_PDB_ins_code   ? 
_struct_conf.end_label_comp_id       ARG 
_struct_conf.end_label_asym_id       A 
_struct_conf.end_label_seq_id        45 
_struct_conf.pdbx_end_PDB_ins_code   ? 
_struct_conf.beg_auth_comp_id        HIS 
_struct_conf.beg_auth_asym_id        A 
_struct_conf.beg_auth_seq_id         269 
_struct_conf.end_auth_comp_id        ARG 
_struct_conf.end_auth_asym_id        A 
_struct_conf.end_auth_seq_id         273 
_struct_conf.pdbx_PDB_helix_class    5 
_struct_conf.details                 ? 
_struct_conf.pdbx_PDB_helix_length   5 
# 
_struct_conf_type.id          HELX_P 
_struct_conf_type.criteria    ? 
_struct_conf_type.reference   ? 
# 
loop_
_struct_conn.id 
_struct_conn.conn_type_id 
_struct_conn.pdbx_leaving_atom_flag 
_struct_conn.pdbx_PDB_id 
_struct_conn.ptnr1_label_asym_id 
_struct_conn.ptnr1_label_comp_id 
_struct_conn.ptnr1_label_seq_id 
_struct_conn.ptnr1_label_atom_id 
_struct_conn.pdbx_ptnr1_label_alt_id 
_struct_conn.pdbx_ptnr1_PDB_ins_code 
_struct_conn.pdbx_ptnr1_standard_comp_id 
_struct_conn.ptnr1_symmetry 
_struct_conn.ptnr2_label_asym_id 
_struct_conn.ptnr2_label_comp_id 
_struct_conn.ptnr2_label_seq_id 
_struct_conn.ptnr2_label_atom_id 
_struct_conn.pdbx_ptnr2_label_alt_id 
_struct_conn.pdbx_ptnr2_PDB_ins_code 
_struct_conn.ptnr1_auth_asym_id 
_struct_conn.ptnr1_auth_comp_id 
_struct_conn.ptnr1_auth_seq_id 
_struct_conn.ptnr2_auth_asym_id 
_struct_conn.ptnr2_auth_comp_id 
_struct_conn.ptnr2_auth_seq_id 
_struct_conn.ptnr2_symmetry 
_struct_conn.pdbx_ptnr3_label_atom_id 
_struct_conn.pdbx_ptnr3_label_seq_id 
_struct_conn.pdbx_ptnr3_label_comp_id 
_struct_conn.pdbx_ptnr3_label_asym_id 
_struct_conn.pdbx_ptnr3_label_alt_id 
_struct_conn.pdbx_ptnr3_PDB_ins_code 
_struct_conn.details 
_struct_conn.pdbx_dist_value 
_struct_conn.pdbx_value_order 
_struct_conn.pdbx_role 
metalc1 metalc ? ? A HIS 3  ND1 ? ? ? 1_555 C ZN . ZN ? ? A HIS 231 A ZN 302 1_555 ? ? ? ? ? ? ? 2.096 ? ? 
metalc2 metalc ? ? A CYS 16 SG  ? ? ? 1_555 B ZN . ZN ? ? A CYS 244 A ZN 301 1_555 ? ? ? ? ? ? ? 2.345 ? ? 
metalc3 metalc ? ? A CYS 19 SG  ? ? ? 1_555 B ZN . ZN ? ? A CYS 247 A ZN 301 1_555 ? ? ? ? ? ? ? 2.341 ? ? 
metalc4 metalc ? ? A CYS 33 SG  ? ? ? 1_555 C ZN . ZN ? ? A CYS 261 A ZN 302 1_555 ? ? ? ? ? ? ? 2.327 ? ? 
metalc5 metalc ? ? A CYS 36 SG  ? ? ? 1_555 C ZN . ZN ? ? A CYS 264 A ZN 302 1_555 ? ? ? ? ? ? ? 2.303 ? ? 
metalc6 metalc ? ? A HIS 41 ND1 ? ? ? 1_555 B ZN . ZN ? ? A HIS 269 A ZN 301 1_555 ? ? ? ? ? ? ? 2.116 ? ? 
metalc7 metalc ? ? A CYS 44 SG  ? ? ? 1_555 B ZN . ZN ? ? A CYS 272 A ZN 301 1_555 ? ? ? ? ? ? ? 2.298 ? ? 
metalc8 metalc ? ? A CYS 52 SG  ? ? ? 1_555 C ZN . ZN ? ? A CYS 280 A ZN 302 1_555 ? ? ? ? ? ? ? 2.308 ? ? 
# 
_struct_conn_type.id          metalc 
_struct_conn_type.criteria    ? 
_struct_conn_type.reference   ? 
# 
_struct_sheet.id               AA1 
_struct_sheet.type             ? 
_struct_sheet.number_strands   3 
_struct_sheet.details          ? 
# 
loop_
_struct_sheet_order.sheet_id 
_struct_sheet_order.range_id_1 
_struct_sheet_order.range_id_2 
_struct_sheet_order.offset 
_struct_sheet_order.sense 
AA1 1 2 ? anti-parallel 
AA1 2 3 ? anti-parallel 
# 
loop_
_struct_sheet_range.sheet_id 
_struct_sheet_range.id 
_struct_sheet_range.beg_label_comp_id 
_struct_sheet_range.beg_label_asym_id 
_struct_sheet_range.beg_label_seq_id 
_struct_sheet_range.pdbx_beg_PDB_ins_code 
_struct_sheet_range.end_label_comp_id 
_struct_sheet_range.end_label_asym_id 
_struct_sheet_range.end_label_seq_id 
_struct_sheet_range.pdbx_end_PDB_ins_code 
_struct_sheet_range.beg_auth_comp_id 
_struct_sheet_range.beg_auth_asym_id 
_struct_sheet_range.beg_auth_seq_id 
_struct_sheet_range.end_auth_comp_id 
_struct_sheet_range.end_auth_asym_id 
_struct_sheet_range.end_auth_seq_id 
AA1 1 PHE A 5  ? TYR A 8  ? PHE A 233 TYR A 236 
AA1 2 GLY A 30 ? CYS A 33 ? GLY A 258 CYS A 261 
AA1 3 ASN A 39 ? VAL A 40 ? ASN A 267 VAL A 268 
# 
loop_
_pdbx_struct_sheet_hbond.sheet_id 
_pdbx_struct_sheet_hbond.range_id_1 
_pdbx_struct_sheet_hbond.range_id_2 
_pdbx_struct_sheet_hbond.range_1_label_atom_id 
_pdbx_struct_sheet_hbond.range_1_label_comp_id 
_pdbx_struct_sheet_hbond.range_1_label_asym_id 
_pdbx_struct_sheet_hbond.range_1_label_seq_id 
_pdbx_struct_sheet_hbond.range_1_PDB_ins_code 
_pdbx_struct_sheet_hbond.range_1_auth_atom_id 
_pdbx_struct_sheet_hbond.range_1_auth_comp_id 
_pdbx_struct_sheet_hbond.range_1_auth_asym_id 
_pdbx_struct_sheet_hbond.range_1_auth_seq_id 
_pdbx_struct_sheet_hbond.range_2_label_atom_id 
_pdbx_struct_sheet_hbond.range_2_label_comp_id 
_pdbx_struct_sheet_hbond.range_2_label_asym_id 
_pdbx_struct_sheet_hbond.range_2_label_seq_id 
_pdbx_struct_sheet_hbond.range_2_PDB_ins_code 
_pdbx_struct_sheet_hbond.range_2_auth_atom_id 
_pdbx_struct_sheet_hbond.range_2_auth_comp_id 
_pdbx_struct_sheet_hbond.range_2_auth_asym_id 
_pdbx_struct_sheet_hbond.range_2_auth_seq_id 
AA1 1 2 N LYS A 6  ? N LYS A 234 O LYS A 32 ? O LYS A 260 
AA1 2 3 N LEU A 31 ? N LEU A 259 O VAL A 40 ? O VAL A 268 
# 
_atom_sites.entry_id                    7KND 
_atom_sites.Cartn_transf_matrix[1][1]   ? 
_atom_sites.Cartn_transf_matrix[1][2]   ? 
_atom_sites.Cartn_transf_matrix[1][3]   ? 
_atom_sites.Cartn_transf_matrix[2][1]   ? 
_atom_sites.Cartn_transf_matrix[2][2]   ? 
_atom_sites.Cartn_transf_matrix[2][3]   ? 
_atom_sites.Cartn_transf_matrix[3][1]   ? 
_atom_sites.Cartn_transf_matrix[3][2]   ? 
_atom_sites.Cartn_transf_matrix[3][3]   ? 
_atom_sites.Cartn_transf_vector[1]      ? 
_atom_sites.Cartn_transf_vector[2]      ? 
_atom_sites.Cartn_transf_vector[3]      ? 
_atom_sites.fract_transf_matrix[1][1]   0.02434444 
_atom_sites.fract_transf_matrix[1][2]   -0.00404499 
_atom_sites.fract_transf_matrix[1][3]   0.01054058 
_atom_sites.fract_transf_matrix[2][1]   -0.01114745 
_atom_sites.fract_transf_matrix[2][2]   -0.01258158 
_atom_sites.fract_transf_matrix[2][3]   0.02091783 
_atom_sites.fract_transf_matrix[3][1]   0.00209053 
_atom_sites.fract_transf_matrix[3][2]   -0.02729327 
_atom_sites.fract_transf_matrix[3][3]   -0.01530218 
_atom_sites.fract_transf_vector[1]      -0.142463 
_atom_sites.fract_transf_vector[2]      -0.480325 
_atom_sites.fract_transf_vector[3]      0.008623 
_atom_sites.solution_primary            ? 
_atom_sites.solution_secondary          ? 
_atom_sites.solution_hydrogens          ? 
_atom_sites.special_details             ? 
# 
loop_
_atom_type.symbol 
C  
N  
O  
S  
ZN 
# 
loop_
_atom_site.group_PDB 
_atom_site.id 
_atom_site.type_symbol 
_atom_site.label_atom_id 
_atom_site.label_alt_id 
_atom_site.label_comp_id 
_atom_site.label_asym_id 
_atom_site.label_entity_id 
_atom_site.label_seq_id 
_atom_site.pdbx_PDB_ins_code 
_atom_site.Cartn_x 
_atom_site.Cartn_y 
_atom_site.Cartn_z 
_atom_site.occupancy 
_atom_site.B_iso_or_equiv 
_atom_site.pdbx_formal_charge 
_atom_site.auth_seq_id 
_atom_site.auth_comp_id 
_atom_site.auth_asym_id 
_atom_site.auth_atom_id 
_atom_site.pdbx_PDB_model_num 
ATOM   1   N  N   . MET A 1 1  ? -0.913  -1.433 -17.471 1.00 45.80 ? 229 MET A N   1 
ATOM   2   C  CA  . MET A 1 1  ? -2.195  -1.019 -16.906 1.00 43.04 ? 229 MET A CA  1 
ATOM   3   C  C   . MET A 1 1  ? -2.018  -0.572 -15.454 1.00 42.56 ? 229 MET A C   1 
ATOM   4   O  O   . MET A 1 1  ? -1.062  -0.980 -14.798 1.00 47.84 ? 229 MET A O   1 
ATOM   5   C  CB  . MET A 1 1  ? -3.217  -2.136 -17.085 1.00 45.00 ? 229 MET A CB  1 
ATOM   6   C  CG  . MET A 1 1  ? -3.531  -2.302 -18.568 1.00 49.52 ? 229 MET A CG  1 
ATOM   7   S  SD  . MET A 1 1  ? -5.050  -3.151 -19.024 1.00 61.55 ? 229 MET A SD  1 
ATOM   8   C  CE  . MET A 1 1  ? -4.758  -3.307 -20.795 1.00 39.94 ? 229 MET A CE  1 
ATOM   9   N  N   . PRO A 1 2  ? -2.905  0.288  -14.954 1.00 44.30 ? 230 PRO A N   1 
ATOM   10  C  CA  . PRO A 1 2  ? -2.583  1.025  -13.731 1.00 45.65 ? 230 PRO A CA  1 
ATOM   11  C  C   . PRO A 1 2  ? -3.038  0.303  -12.474 1.00 42.13 ? 230 PRO A C   1 
ATOM   12  O  O   . PRO A 1 2  ? -4.097  -0.328 -12.428 1.00 42.17 ? 230 PRO A O   1 
ATOM   13  C  CB  . PRO A 1 2  ? -3.392  2.322  -13.901 1.00 44.74 ? 230 PRO A CB  1 
ATOM   14  C  CG  . PRO A 1 2  ? -4.490  1.984  -14.935 1.00 44.56 ? 230 PRO A CG  1 
ATOM   15  C  CD  . PRO A 1 2  ? -4.296  0.550  -15.358 1.00 42.42 ? 230 PRO A CD  1 
ATOM   16  N  N   . HIS A 1 3  ? -2.219  0.416  -11.432 1.00 41.42 ? 231 HIS A N   1 
ATOM   17  C  CA  . HIS A 1 3  ? -2.692  0.079  -10.100 1.00 37.57 ? 231 HIS A CA  1 
ATOM   18  C  C   . HIS A 1 3  ? -3.956  0.867  -9.786  1.00 37.09 ? 231 HIS A C   1 
ATOM   19  O  O   . HIS A 1 3  ? -4.145  1.997  -10.237 1.00 39.77 ? 231 HIS A O   1 
ATOM   20  C  CB  . HIS A 1 3  ? -1.631  0.426  -9.060  1.00 34.19 ? 231 HIS A CB  1 
ATOM   21  C  CG  . HIS A 1 3  ? -0.391  -0.404 -9.151  1.00 32.48 ? 231 HIS A CG  1 
ATOM   22  N  ND1 . HIS A 1 3  ? -0.413  -1.781 -9.109  1.00 30.15 ? 231 HIS A ND1 1 
ATOM   23  C  CD2 . HIS A 1 3  ? 0.913   -0.049 -9.233  1.00 34.64 ? 231 HIS A CD2 1 
ATOM   24  C  CE1 . HIS A 1 3  ? 0.825   -2.238 -9.180  1.00 30.10 ? 231 HIS A CE1 1 
ATOM   25  N  NE2 . HIS A 1 3  ? 1.649   -1.206 -9.242  1.00 29.36 ? 231 HIS A NE2 1 
ATOM   26  N  N   . ARG A 1 4  ? -4.828  0.257  -9.002  1.00 37.71 ? 232 ARG A N   1 
ATOM   27  C  CA  . ARG A 1 4  ? -6.069  0.873  -8.573  1.00 37.63 ? 232 ARG A CA  1 
ATOM   28  C  C   . ARG A 1 4  ? -5.989  0.942  -7.054  1.00 35.90 ? 232 ARG A C   1 
ATOM   29  O  O   . ARG A 1 4  ? -6.665  0.184  -6.348  1.00 38.38 ? 232 ARG A O   1 
ATOM   30  C  CB  . ARG A 1 4  ? -7.210  -0.002 -9.012  1.00 42.33 ? 232 ARG A CB  1 
ATOM   31  C  CG  . ARG A 1 4  ? -7.336  -0.127 -10.514 1.00 43.47 ? 232 ARG A CG  1 
ATOM   32  C  CD  . ARG A 1 4  ? -8.658  -0.753 -10.947 1.00 45.25 ? 232 ARG A CD  1 
ATOM   33  N  NE  . ARG A 1 4  ? -9.069  -0.249 -12.254 1.00 54.60 ? 232 ARG A NE  1 
ATOM   34  C  CZ  . ARG A 1 4  ? -8.596  -0.724 -13.410 1.00 58.52 ? 232 ARG A CZ  1 
ATOM   35  N  NH1 . ARG A 1 4  ? -7.718  -1.726 -13.408 1.00 55.58 ? 232 ARG A NH1 1 
ATOM   36  N  NH2 . ARG A 1 4  ? -9.001  -0.208 -14.569 1.00 57.81 ? 232 ARG A NH2 1 
ATOM   37  N  N   . PHE A 1 5  ? -5.114  1.811  -6.557  1.00 36.17 ? 233 PHE A N   1 
ATOM   38  C  CA  . PHE A 1 5  ? -4.848  1.872  -5.128  1.00 33.98 ? 233 PHE A CA  1 
ATOM   39  C  C   . PHE A 1 5  ? -6.051  2.448  -4.394  1.00 35.15 ? 233 PHE A C   1 
ATOM   40  O  O   . PHE A 1 5  ? -6.527  3.546  -4.713  1.00 37.41 ? 233 PHE A O   1 
ATOM   41  C  CB  . PHE A 1 5  ? -3.621  2.734  -4.840  1.00 28.93 ? 233 PHE A CB  1 
ATOM   42  C  CG  . PHE A 1 5  ? -2.316  2.055  -5.138  1.00 28.30 ? 233 PHE A CG  1 
ATOM   43  C  CD1 . PHE A 1 5  ? -1.886  0.982  -4.381  1.00 28.88 ? 233 PHE A CD1 1 
ATOM   44  C  CD2 . PHE A 1 5  ? -1.484  2.548  -6.124  1.00 28.56 ? 233 PHE A CD2 1 
ATOM   45  C  CE1 . PHE A 1 5  ? -0.671  0.380  -4.633  1.00 27.65 ? 233 PHE A CE1 1 
ATOM   46  C  CE2 . PHE A 1 5  ? -0.269  1.972  -6.374  1.00 29.96 ? 233 PHE A CE2 1 
ATOM   47  C  CZ  . PHE A 1 5  ? 0.138   0.862  -5.639  1.00 25.89 ? 233 PHE A CZ  1 
ATOM   48  N  N   . LYS A 1 6  ? -6.533  1.702  -3.404  1.00 34.41 ? 234 LYS A N   1 
ATOM   49  C  CA  . LYS A 1 6  ? -7.555  2.177  -2.485  1.00 35.04 ? 234 LYS A CA  1 
ATOM   50  C  C   . LYS A 1 6  ? -7.006  2.158  -1.062  1.00 33.72 ? 234 LYS A C   1 
ATOM   51  O  O   . LYS A 1 6  ? -6.321  1.208  -0.664  1.00 30.55 ? 234 LYS A O   1 
ATOM   52  C  CB  . LYS A 1 6  ? -8.816  1.316  -2.595  1.00 36.29 ? 234 LYS A CB  1 
ATOM   53  C  CG  . LYS A 1 6  ? -9.581  1.559  -3.896  1.00 42.44 ? 234 LYS A CG  1 
ATOM   54  C  CD  . LYS A 1 6  ? -11.090 1.448  -3.694  1.00 47.60 ? 234 LYS A CD  1 
ATOM   55  C  CE  . LYS A 1 6  ? -11.749 0.626  -4.783  1.00 47.39 ? 234 LYS A CE  1 
ATOM   56  N  NZ  . LYS A 1 6  ? -13.229 0.586  -4.604  1.00 48.09 ? 234 LYS A NZ  1 
ATOM   57  N  N   . VAL A 1 7  ? -7.301  3.211  -0.297  1.00 31.35 ? 235 VAL A N   1 
ATOM   58  C  CA  . VAL A 1 7  ? -6.849  3.259  1.086   1.00 30.48 ? 235 VAL A CA  1 
ATOM   59  C  C   . VAL A 1 7  ? -7.446  2.069  1.851   1.00 30.13 ? 235 VAL A C   1 
ATOM   60  O  O   . VAL A 1 7  ? -8.554  1.597  1.562   1.00 34.10 ? 235 VAL A O   1 
ATOM   61  C  CB  . VAL A 1 7  ? -7.233  4.609  1.711   1.00 31.81 ? 235 VAL A CB  1 
ATOM   62  C  CG1 . VAL A 1 7  ? -6.761  4.699  3.154   1.00 33.29 ? 235 VAL A CG1 1 
ATOM   63  C  CG2 . VAL A 1 7  ? -6.685  5.743  0.873   1.00 35.04 ? 235 VAL A CG2 1 
ATOM   64  N  N   . TYR A 1 8  ? -6.688  1.558  2.818   1.00 28.05 ? 236 TYR A N   1 
ATOM   65  C  CA  . TYR A 1 8  ? -6.952  0.249  3.402   1.00 30.78 ? 236 TYR A CA  1 
ATOM   66  C  C   . TYR A 1 8  ? -6.650  0.275  4.898   1.00 30.90 ? 236 TYR A C   1 
ATOM   67  O  O   . TYR A 1 8  ? -5.749  0.985  5.362   1.00 29.40 ? 236 TYR A O   1 
ATOM   68  C  CB  . TYR A 1 8  ? -6.115  -0.807 2.674   1.00 28.34 ? 236 TYR A CB  1 
ATOM   69  C  CG  . TYR A 1 8  ? -6.506  -2.258 2.840   1.00 30.88 ? 236 TYR A CG  1 
ATOM   70  C  CD1 . TYR A 1 8  ? -5.916  -3.024 3.836   1.00 33.20 ? 236 TYR A CD1 1 
ATOM   71  C  CD2 . TYR A 1 8  ? -7.397  -2.888 1.968   1.00 31.89 ? 236 TYR A CD2 1 
ATOM   72  C  CE1 . TYR A 1 8  ? -6.215  -4.366 3.987   1.00 35.01 ? 236 TYR A CE1 1 
ATOM   73  C  CE2 . TYR A 1 8  ? -7.704  -4.242 2.108   1.00 30.30 ? 236 TYR A CE2 1 
ATOM   74  C  CZ  . TYR A 1 8  ? -7.106  -4.978 3.126   1.00 35.40 ? 236 TYR A CZ  1 
ATOM   75  O  OH  . TYR A 1 8  ? -7.379  -6.327 3.308   1.00 35.12 ? 236 TYR A OH  1 
ATOM   76  N  N   . ASN A 1 9  ? -7.431  -0.489 5.654   1.00 32.99 ? 237 ASN A N   1 
ATOM   77  C  CA  . ASN A 1 9  ? -7.243  -0.622 7.092   1.00 32.27 ? 237 ASN A CA  1 
ATOM   78  C  C   . ASN A 1 9  ? -6.567  -1.958 7.348   1.00 32.26 ? 237 ASN A C   1 
ATOM   79  O  O   . ASN A 1 9  ? -7.196  -3.019 7.230   1.00 34.38 ? 237 ASN A O   1 
ATOM   80  C  CB  . ASN A 1 9  ? -8.587  -0.548 7.796   1.00 33.85 ? 237 ASN A CB  1 
ATOM   81  C  CG  . ASN A 1 9  ? -9.275  0.760  7.548   1.00 36.71 ? 237 ASN A CG  1 
ATOM   82  O  OD1 . ASN A 1 9  ? -8.702  1.842  7.750   1.00 33.16 ? 237 ASN A OD1 1 
ATOM   83  N  ND2 . ASN A 1 9  ? -10.505 0.677  7.041   1.00 38.33 ? 237 ASN A ND2 1 
ATOM   84  N  N   . TYR A 1 10 ? -5.283  -1.914 7.680   1.00 30.52 ? 238 TYR A N   1 
ATOM   85  C  CA  . TYR A 1 10 ? -4.523  -3.128 7.938   1.00 28.98 ? 238 TYR A CA  1 
ATOM   86  C  C   . TYR A 1 10 ? -4.727  -3.530 9.394   1.00 32.28 ? 238 TYR A C   1 
ATOM   87  O  O   . TYR A 1 10 ? -4.594  -2.703 10.298  1.00 33.06 ? 238 TYR A O   1 
ATOM   88  C  CB  . TYR A 1 10 ? -3.050  -2.901 7.600   1.00 31.27 ? 238 TYR A CB  1 
ATOM   89  C  CG  . TYR A 1 10 ? -2.853  -2.641 6.114   1.00 26.32 ? 238 TYR A CG  1 
ATOM   90  C  CD1 . TYR A 1 10 ? -2.927  -1.356 5.605   1.00 29.28 ? 238 TYR A CD1 1 
ATOM   91  C  CD2 . TYR A 1 10 ? -2.661  -3.692 5.212   1.00 27.84 ? 238 TYR A CD2 1 
ATOM   92  C  CE1 . TYR A 1 10 ? -2.771  -1.110 4.256   1.00 28.12 ? 238 TYR A CE1 1 
ATOM   93  C  CE2 . TYR A 1 10 ? -2.506  -3.458 3.855   1.00 24.47 ? 238 TYR A CE2 1 
ATOM   94  C  CZ  . TYR A 1 10 ? -2.566  -2.158 3.381   1.00 28.28 ? 238 TYR A CZ  1 
ATOM   95  O  OH  . TYR A 1 10 ? -2.412  -1.923 2.027   1.00 27.27 ? 238 TYR A OH  1 
ATOM   96  N  N   . MET A 1 11 ? -5.101  -4.791 9.615   1.00 35.97 ? 239 MET A N   1 
ATOM   97  C  CA  A MET A 1 11 ? -5.421  -5.280 10.950  0.51 36.31 ? 239 MET A CA  1 
ATOM   98  C  CA  B MET A 1 11 ? -5.408  -5.257 10.961  0.49 36.31 ? 239 MET A CA  1 
ATOM   99  C  C   . MET A 1 11 ? -4.311  -6.113 11.567  1.00 37.00 ? 239 MET A C   1 
ATOM   100 O  O   . MET A 1 11 ? -4.349  -6.372 12.773  1.00 44.09 ? 239 MET A O   1 
ATOM   101 C  CB  A MET A 1 11 ? -6.749  -6.055 10.942  0.51 37.06 ? 239 MET A CB  1 
ATOM   102 C  CB  B MET A 1 11 ? -6.747  -6.005 10.997  0.49 37.06 ? 239 MET A CB  1 
ATOM   103 C  CG  A MET A 1 11 ? -7.973  -5.147 11.064  0.51 37.67 ? 239 MET A CG  1 
ATOM   104 C  CG  B MET A 1 11 ? -7.912  -5.233 10.380  0.49 36.62 ? 239 MET A CG  1 
ATOM   105 S  SD  A MET A 1 11 ? -9.592  -5.938 10.918  0.51 42.69 ? 239 MET A SD  1 
ATOM   106 S  SD  B MET A 1 11 ? -8.134  -3.540 10.984  0.49 38.55 ? 239 MET A SD  1 
ATOM   107 C  CE  A MET A 1 11 ? -9.969  -5.562 9.227   0.51 37.08 ? 239 MET A CE  1 
ATOM   108 C  CE  B MET A 1 11 ? -8.047  -3.741 12.765  0.49 36.82 ? 239 MET A CE  1 
ATOM   109 N  N   . SER A 1 12 ? -3.347  -6.541 10.777  1.00 35.72 ? 240 SER A N   1 
ATOM   110 C  CA  . SER A 1 12 ? -2.148  -7.206 11.248  1.00 36.02 ? 240 SER A CA  1 
ATOM   111 C  C   . SER A 1 12 ? -0.980  -6.426 10.678  1.00 36.04 ? 240 SER A C   1 
ATOM   112 O  O   . SER A 1 12 ? -1.139  -5.689 9.694   1.00 32.53 ? 240 SER A O   1 
ATOM   113 C  CB  . SER A 1 12 ? -2.083  -8.654 10.751  1.00 37.23 ? 240 SER A CB  1 
ATOM   114 O  OG  . SER A 1 12 ? -1.539  -8.695 9.445   1.00 43.83 ? 240 SER A OG  1 
ATOM   115 N  N   . PRO A 1 13 ? 0.201   -6.538 11.287  1.00 36.13 ? 241 PRO A N   1 
ATOM   116 C  CA  . PRO A 1 13 ? 1.353   -5.768 10.798  1.00 33.54 ? 241 PRO A CA  1 
ATOM   117 C  C   . PRO A 1 13 ? 1.661   -6.163 9.360   1.00 31.37 ? 241 PRO A C   1 
ATOM   118 O  O   . PRO A 1 13 ? 1.906   -7.335 9.053   1.00 32.20 ? 241 PRO A O   1 
ATOM   119 C  CB  . PRO A 1 13 ? 2.479   -6.144 11.772  1.00 33.83 ? 241 PRO A CB  1 
ATOM   120 C  CG  . PRO A 1 13 ? 2.030   -7.355 12.454  1.00 36.32 ? 241 PRO A CG  1 
ATOM   121 C  CD  . PRO A 1 13 ? 0.533   -7.322 12.486  1.00 34.85 ? 241 PRO A CD  1 
ATOM   122 N  N   . THR A 1 14 ? 1.586   -5.177 8.466   1.00 28.58 ? 242 THR A N   1 
ATOM   123 C  CA  . THR A 1 14 ? 1.725   -5.387 7.038   1.00 27.65 ? 242 THR A CA  1 
ATOM   124 C  C   . THR A 1 14 ? 2.783   -4.414 6.558   1.00 25.31 ? 242 THR A C   1 
ATOM   125 O  O   . THR A 1 14 ? 2.950   -3.341 7.131   1.00 23.76 ? 242 THR A O   1 
ATOM   126 C  CB  . THR A 1 14 ? 0.418   -5.006 6.368   1.00 24.93 ? 242 THR A CB  1 
ATOM   127 O  OG1 . THR A 1 14 ? -0.660  -5.758 6.931   1.00 30.19 ? 242 THR A OG1 1 
ATOM   128 C  CG2 . THR A 1 14 ? 0.473   -5.232 4.862   1.00 26.02 ? 242 THR A CG2 1 
ATOM   129 N  N   . PHE A 1 15 ? 3.571   -4.775 5.558   1.00 25.96 ? 243 PHE A N   1 
ATOM   130 C  CA  . PHE A 1 15 ? 4.700   -3.894 5.335   1.00 24.08 ? 243 PHE A CA  1 
ATOM   131 C  C   . PHE A 1 15 ? 4.533   -3.309 3.937   1.00 21.33 ? 243 PHE A C   1 
ATOM   132 O  O   . PHE A 1 15 ? 3.752   -3.842 3.145   1.00 27.77 ? 243 PHE A O   1 
ATOM   133 C  CB  . PHE A 1 15 ? 6.053   -4.560 5.354   1.00 23.12 ? 243 PHE A CB  1 
ATOM   134 C  CG  . PHE A 1 15 ? 6.398   -5.097 6.660   1.00 29.71 ? 243 PHE A CG  1 
ATOM   135 C  CD1 . PHE A 1 15 ? 5.646   -4.753 7.800   1.00 37.47 ? 243 PHE A CD1 1 
ATOM   136 C  CD2 . PHE A 1 15 ? 7.643   -5.671 6.842   1.00 41.82 ? 243 PHE A CD2 1 
ATOM   137 C  CE1 . PHE A 1 15 ? 5.939   -5.266 9.092   1.00 40.58 ? 243 PHE A CE1 1 
ATOM   138 C  CE2 . PHE A 1 15 ? 8.003   -6.082 8.070   1.00 42.01 ? 243 PHE A CE2 1 
ATOM   139 C  CZ  . PHE A 1 15 ? 7.125   -5.906 9.196   1.00 37.92 ? 243 PHE A CZ  1 
ATOM   140 N  N   . CYS A 1 16 ? 5.221   -2.198 3.650   1.00 22.83 ? 244 CYS A N   1 
ATOM   141 C  CA  . CYS A 1 16 ? 5.114   -1.546 2.364   1.00 17.84 ? 244 CYS A CA  1 
ATOM   142 C  C   . CYS A 1 16 ? 5.875   -2.334 1.321   1.00 21.92 ? 244 CYS A C   1 
ATOM   143 O  O   . CYS A 1 16 ? 7.074   -2.597 1.491   1.00 24.32 ? 244 CYS A O   1 
ATOM   144 C  CB  . CYS A 1 16 ? 5.682   -0.135 2.482   1.00 23.21 ? 244 CYS A CB  1 
ATOM   145 S  SG  . CYS A 1 16 ? 5.695   0.763  0.946   1.00 20.77 ? 244 CYS A SG  1 
ATOM   146 N  N   . ASP A 1 17 ? 5.197   -2.635 0.202   1.00 17.86 ? 245 ASP A N   1 
ATOM   147 C  CA  . ASP A 1 17 ? 5.848   -3.450 -0.812  1.00 19.82 ? 245 ASP A CA  1 
ATOM   148 C  C   . ASP A 1 17 ? 6.828   -2.640 -1.635  1.00 21.97 ? 245 ASP A C   1 
ATOM   149 O  O   . ASP A 1 17 ? 7.528   -3.196 -2.486  1.00 23.75 ? 245 ASP A O   1 
ATOM   150 C  CB  . ASP A 1 17 ? 4.887   -4.107 -1.810  1.00 21.16 ? 245 ASP A CB  1 
ATOM   151 C  CG  . ASP A 1 17 ? 4.016   -5.199 -1.207  1.00 20.77 ? 245 ASP A CG  1 
ATOM   152 O  OD1 . ASP A 1 17 ? 2.785   -5.218 -1.428  1.00 20.12 ? 245 ASP A OD1 1 
ATOM   153 O  OD2 . ASP A 1 17 ? 4.562   -5.913 -0.340  1.00 22.03 ? 245 ASP A OD2 1 
ATOM   154 N  N   . HIS A 1 18 ? 6.862   -1.319 -1.442  1.00 20.50 ? 246 HIS A N   1 
ATOM   155 C  CA  . HIS A 1 18 ? 7.844   -0.512 -2.153  1.00 23.01 ? 246 HIS A CA  1 
ATOM   156 C  C   . HIS A 1 18 ? 9.116   -0.284 -1.351  1.00 25.41 ? 246 HIS A C   1 
ATOM   157 O  O   . HIS A 1 18 ? 10.212  -0.524 -1.862  1.00 27.65 ? 246 HIS A O   1 
ATOM   158 C  CB  . HIS A 1 18 ? 7.258   0.818  -2.608  1.00 24.49 ? 246 HIS A CB  1 
ATOM   159 C  CG  . HIS A 1 18 ? 8.277   1.762  -3.163  1.00 25.93 ? 246 HIS A CG  1 
ATOM   160 N  ND1 . HIS A 1 18 ? 8.834   1.618  -4.416  1.00 28.16 ? 246 HIS A ND1 1 
ATOM   161 C  CD2 . HIS A 1 18 ? 8.817   2.891  -2.644  1.00 26.36 ? 246 HIS A CD2 1 
ATOM   162 C  CE1 . HIS A 1 18 ? 9.687   2.603  -4.639  1.00 29.91 ? 246 HIS A CE1 1 
ATOM   163 N  NE2 . HIS A 1 18 ? 9.687   3.396  -3.584  1.00 29.58 ? 246 HIS A NE2 1 
ATOM   164 N  N   . CYS A 1 19 ? 8.995   0.145  -0.097  1.00 26.66 ? 247 CYS A N   1 
ATOM   165 C  CA  . CYS A 1 19 ? 10.152  0.507  0.703   1.00 26.78 ? 247 CYS A CA  1 
ATOM   166 C  C   . CYS A 1 19 ? 10.475  -0.505 1.803   1.00 28.19 ? 247 CYS A C   1 
ATOM   167 O  O   . CYS A 1 19 ? 11.553  -0.422 2.391   1.00 31.22 ? 247 CYS A O   1 
ATOM   168 C  CB  . CYS A 1 19 ? 9.980   1.906  1.319   1.00 25.60 ? 247 CYS A CB  1 
ATOM   169 S  SG  . CYS A 1 19 ? 8.888   1.947  2.773   1.00 25.27 ? 247 CYS A SG  1 
ATOM   170 N  N   . GLY A 1 20 ? 9.580   -1.448 2.108   1.00 23.44 ? 248 GLY A N   1 
ATOM   171 C  CA  . GLY A 1 20 ? 9.871   -2.480 3.084   1.00 24.71 ? 248 GLY A CA  1 
ATOM   172 C  C   . GLY A 1 20 ? 9.569   -2.137 4.533   1.00 28.04 ? 248 GLY A C   1 
ATOM   173 O  O   . GLY A 1 20 ? 9.567   -3.044 5.378   1.00 32.30 ? 248 GLY A O   1 
ATOM   174 N  N   . SER A 1 21 ? 9.259   -0.888 4.854   1.00 26.15 ? 249 SER A N   1 
ATOM   175 C  CA  . SER A 1 21 ? 9.048   -0.565 6.262   1.00 24.66 ? 249 SER A CA  1 
ATOM   176 C  C   . SER A 1 21 ? 7.587   -0.751 6.659   1.00 25.06 ? 249 SER A C   1 
ATOM   177 O  O   . SER A 1 21 ? 6.678   -0.835 5.816   1.00 20.05 ? 249 SER A O   1 
ATOM   178 C  CB  . SER A 1 21 ? 9.491   0.859  6.596   1.00 24.26 ? 249 SER A CB  1 
ATOM   179 O  OG  . SER A 1 21 ? 10.854  1.076  6.265   1.00 28.69 ? 249 SER A OG  1 
ATOM   180 N  N   . LEU A 1 22 ? 7.365   -0.813 7.971   1.00 26.78 ? 250 LEU A N   1 
ATOM   181 C  CA  . LEU A 1 22 ? 6.037   -1.113 8.475   1.00 22.87 ? 250 LEU A CA  1 
ATOM   182 C  C   . LEU A 1 22 ? 5.058   -0.049 7.996   1.00 24.53 ? 250 LEU A C   1 
ATOM   183 O  O   . LEU A 1 22 ? 5.366   1.147  7.959   1.00 22.26 ? 250 LEU A O   1 
ATOM   184 C  CB  . LEU A 1 22 ? 6.054   -1.152 10.010  1.00 24.51 ? 250 LEU A CB  1 
ATOM   185 C  CG  . LEU A 1 22 ? 4.775   -1.449 10.779  1.00 26.79 ? 250 LEU A CG  1 
ATOM   186 C  CD1 . LEU A 1 22 ? 4.384   -2.900 10.518  1.00 26.76 ? 250 LEU A CD1 1 
ATOM   187 C  CD2 . LEU A 1 22 ? 5.039   -1.249 12.253  1.00 30.88 ? 250 LEU A CD2 1 
ATOM   188 N  N   . LEU A 1 23 ? 3.853   -0.478 7.670   1.00 24.13 ? 251 LEU A N   1 
ATOM   189 C  CA  . LEU A 1 23 ? 2.777   0.468  7.396   1.00 21.71 ? 251 LEU A CA  1 
ATOM   190 C  C   . LEU A 1 23 ? 2.273   0.927  8.763   1.00 24.17 ? 251 LEU A C   1 
ATOM   191 O  O   . LEU A 1 23 ? 1.430   0.286  9.390   1.00 24.64 ? 251 LEU A O   1 
ATOM   192 C  CB  . LEU A 1 23 ? 1.673   -0.190 6.580   1.00 22.05 ? 251 LEU A CB  1 
ATOM   193 C  CG  . LEU A 1 23 ? 2.013   -0.696 5.171   1.00 21.75 ? 251 LEU A CG  1 
ATOM   194 C  CD1 . LEU A 1 23 ? 0.884   -1.526 4.545   1.00 27.89 ? 251 LEU A CD1 1 
ATOM   195 C  CD2 . LEU A 1 23 ? 2.424   0.465  4.269   1.00 23.11 ? 251 LEU A CD2 1 
ATOM   196 N  N   . TRP A 1 24 ? 2.815   2.040  9.256   1.00 24.22 ? 252 TRP A N   1 
ATOM   197 C  CA  . TRP A 1 24 ? 2.596   2.429  10.643  1.00 24.82 ? 252 TRP A CA  1 
ATOM   198 C  C   . TRP A 1 24 ? 1.181   2.994  10.765  1.00 23.42 ? 252 TRP A C   1 
ATOM   199 O  O   . TRP A 1 24 ? 0.609   3.494  9.797   1.00 23.63 ? 252 TRP A O   1 
ATOM   200 C  CB  . TRP A 1 24 ? 3.502   3.617  10.982  1.00 21.80 ? 252 TRP A CB  1 
ATOM   201 C  CG  . TRP A 1 24 ? 4.936   3.428  10.576  1.00 23.33 ? 252 TRP A CG  1 
ATOM   202 C  CD1 . TRP A 1 24 ? 5.904   2.697  11.187  1.00 23.98 ? 252 TRP A CD1 1 
ATOM   203 C  CD2 . TRP A 1 24 ? 5.549   4.032  9.430   1.00 18.92 ? 252 TRP A CD2 1 
ATOM   204 N  NE1 . TRP A 1 24 ? 7.085   2.784  10.468  1.00 24.39 ? 252 TRP A NE1 1 
ATOM   205 C  CE2 . TRP A 1 24 ? 6.883   3.585  9.378   1.00 24.43 ? 252 TRP A CE2 1 
ATOM   206 C  CE3 . TRP A 1 24 ? 5.065   4.832  8.383   1.00 20.55 ? 252 TRP A CE3 1 
ATOM   207 C  CZ2 . TRP A 1 24 ? 7.760   3.970  8.353   1.00 19.29 ? 252 TRP A CZ2 1 
ATOM   208 C  CZ3 . TRP A 1 24 ? 5.920   5.262  7.407   1.00 18.14 ? 252 TRP A CZ3 1 
ATOM   209 C  CH2 . TRP A 1 24 ? 7.275   4.834  7.397   1.00 19.66 ? 252 TRP A CH2 1 
ATOM   210 N  N   . GLY A 1 25 ? 0.636   2.970  11.975  1.00 27.64 ? 253 GLY A N   1 
ATOM   211 C  CA  . GLY A 1 25 ? -0.631  3.625  12.235  1.00 27.35 ? 253 GLY A CA  1 
ATOM   212 C  C   . GLY A 1 25 ? -1.703  2.656  12.699  1.00 30.47 ? 253 GLY A C   1 
ATOM   213 O  O   . GLY A 1 25 ? -1.559  1.434  12.643  1.00 29.08 ? 253 GLY A O   1 
ATOM   214 N  N   . LEU A 1 26 ? -2.809  3.247  13.145  1.00 27.21 ? 254 LEU A N   1 
ATOM   215 C  CA  . LEU A 1 26 ? -3.869  2.421  13.702  1.00 31.54 ? 254 LEU A CA  1 
ATOM   216 C  C   . LEU A 1 26 ? -4.879  2.018  12.637  1.00 32.69 ? 254 LEU A C   1 
ATOM   217 O  O   . LEU A 1 26 ? -5.285  0.849  12.578  1.00 34.76 ? 254 LEU A O   1 
ATOM   218 C  CB  . LEU A 1 26 ? -4.598  3.123  14.859  1.00 34.45 ? 254 LEU A CB  1 
ATOM   219 C  CG  . LEU A 1 26 ? -4.019  3.100  16.293  1.00 38.19 ? 254 LEU A CG  1 
ATOM   220 C  CD1 . LEU A 1 26 ? -3.973  1.694  16.809  1.00 37.19 ? 254 LEU A CD1 1 
ATOM   221 C  CD2 . LEU A 1 26 ? -2.662  3.756  16.423  1.00 43.72 ? 254 LEU A CD2 1 
ATOM   222 N  N   . VAL A 1 27 ? -5.237  2.964  11.766  1.00 30.01 ? 255 VAL A N   1 
ATOM   223 C  CA  . VAL A 1 27 ? -6.173  2.767  10.665  1.00 32.83 ? 255 VAL A CA  1 
ATOM   224 C  C   . VAL A 1 27 ? -5.619  3.490  9.440   1.00 31.64 ? 255 VAL A C   1 
ATOM   225 O  O   . VAL A 1 27 ? -4.723  4.327  9.540   1.00 30.48 ? 255 VAL A O   1 
ATOM   226 C  CB  . VAL A 1 27 ? -7.584  3.310  11.014  1.00 29.26 ? 255 VAL A CB  1 
ATOM   227 C  CG1 . VAL A 1 27 ? -8.098  2.696  12.314  1.00 32.84 ? 255 VAL A CG1 1 
ATOM   228 C  CG2 . VAL A 1 27 ? -7.559  4.832  11.115  1.00 32.72 ? 255 VAL A CG2 1 
ATOM   229 N  N   . LYS A 1 28 ? -6.177  3.174  8.271   1.00 29.68 ? 256 LYS A N   1 
ATOM   230 C  CA  . LYS A 1 28 ? -5.861  3.916  7.050   1.00 33.13 ? 256 LYS A CA  1 
ATOM   231 C  C   . LYS A 1 28 ? -4.355  4.011  6.800   1.00 27.07 ? 256 LYS A C   1 
ATOM   232 O  O   . LYS A 1 28 ? -3.839  5.048  6.378   1.00 29.88 ? 256 LYS A O   1 
ATOM   233 C  CB  . LYS A 1 28 ? -6.457  5.318  7.101   1.00 32.16 ? 256 LYS A CB  1 
ATOM   234 C  CG  . LYS A 1 28 ? -7.960  5.419  7.291   1.00 37.95 ? 256 LYS A CG  1 
ATOM   235 C  CD  . LYS A 1 28 ? -8.698  5.233  5.981   1.00 36.59 ? 256 LYS A CD  1 
ATOM   236 C  CE  . LYS A 1 28 ? -9.910  6.171  5.906   1.00 45.48 ? 256 LYS A CE  1 
ATOM   237 N  NZ  . LYS A 1 28 ? -10.853 5.845  4.789   1.00 47.06 ? 256 LYS A NZ  1 
ATOM   238 N  N   . GLN A 1 29 ? -3.635  2.919  7.057   1.00 29.05 ? 257 GLN A N   1 
ATOM   239 C  CA  . GLN A 1 29 ? -2.175  2.973  7.139   1.00 27.64 ? 257 GLN A CA  1 
ATOM   240 C  C   . GLN A 1 29 ? -1.481  2.960  5.786   1.00 29.41 ? 257 GLN A C   1 
ATOM   241 O  O   . GLN A 1 29 ? -0.269  3.181  5.731   1.00 23.49 ? 257 GLN A O   1 
ATOM   242 C  CB  . GLN A 1 29 ? -1.643  1.819  7.991   1.00 26.71 ? 257 GLN A CB  1 
ATOM   243 C  CG  . GLN A 1 29 ? -2.281  1.746  9.376   1.00 28.12 ? 257 GLN A CG  1 
ATOM   244 C  CD  . GLN A 1 29 ? -3.336  0.669  9.411   1.00 30.99 ? 257 GLN A CD  1 
ATOM   245 O  OE1 . GLN A 1 29 ? -4.106  0.519  8.467   1.00 30.87 ? 257 GLN A OE1 1 
ATOM   246 N  NE2 . GLN A 1 29 ? -3.395  -0.076 10.510  1.00 33.91 ? 257 GLN A NE2 1 
ATOM   247 N  N   . GLY A 1 30 ? -2.203  2.693  4.712   1.00 24.81 ? 258 GLY A N   1 
ATOM   248 C  CA  . GLY A 1 30 ? -1.602  2.669  3.393   1.00 25.90 ? 258 GLY A CA  1 
ATOM   249 C  C   . GLY A 1 30 ? -2.659  2.365  2.356   1.00 25.56 ? 258 GLY A C   1 
ATOM   250 O  O   . GLY A 1 30 ? -3.860  2.422  2.633   1.00 27.87 ? 258 GLY A O   1 
ATOM   251 N  N   . LEU A 1 31 ? -2.214  2.013  1.164   1.00 26.16 ? 259 LEU A N   1 
ATOM   252 C  CA  . LEU A 1 31 ? -3.152  1.750  0.082   1.00 22.63 ? 259 LEU A CA  1 
ATOM   253 C  C   . LEU A 1 31 ? -2.862  0.376  -0.507  1.00 28.49 ? 259 LEU A C   1 
ATOM   254 O  O   . LEU A 1 31 ? -1.696  0.010  -0.698  1.00 27.46 ? 259 LEU A O   1 
ATOM   255 C  CB  . LEU A 1 31 ? -3.050  2.776  -1.048  1.00 30.30 ? 259 LEU A CB  1 
ATOM   256 C  CG  . LEU A 1 31 ? -3.437  4.210  -0.738  1.00 31.75 ? 259 LEU A CG  1 
ATOM   257 C  CD1 . LEU A 1 31 ? -2.262  4.930  -0.110  1.00 30.38 ? 259 LEU A CD1 1 
ATOM   258 C  CD2 . LEU A 1 31 ? -3.911  4.933  -1.972  1.00 33.27 ? 259 LEU A CD2 1 
ATOM   259 N  N   . LYS A 1 32 ? -3.913  -0.389 -0.778  1.00 29.43 ? 260 LYS A N   1 
ATOM   260 C  CA  . LYS A 1 32 ? -3.777  -1.684 -1.425  1.00 31.56 ? 260 LYS A CA  1 
ATOM   261 C  C   . LYS A 1 32 ? -4.318  -1.556 -2.836  1.00 30.56 ? 260 LYS A C   1 
ATOM   262 O  O   . LYS A 1 32 ? -5.288  -0.830 -3.071  1.00 34.43 ? 260 LYS A O   1 
ATOM   263 C  CB  . LYS A 1 32 ? -4.540  -2.784 -0.661  1.00 30.61 ? 260 LYS A CB  1 
ATOM   264 C  CG  . LYS A 1 32 ? -4.498  -4.171 -1.299  1.00 31.97 ? 260 LYS A CG  1 
ATOM   265 C  CD  . LYS A 1 32 ? -5.259  -5.195 -0.440  1.00 32.79 ? 260 LYS A CD  1 
ATOM   266 C  CE  . LYS A 1 32 ? -4.475  -5.700 0.785   1.00 29.86 ? 260 LYS A CE  1 
ATOM   267 N  NZ  . LYS A 1 32 ? -3.301  -6.546 0.420   1.00 33.36 ? 260 LYS A NZ  1 
ATOM   268 N  N   . CYS A 1 33 ? -3.674  -2.239 -3.776  1.00 28.34 ? 261 CYS A N   1 
ATOM   269 C  CA  . CYS A 1 33 ? -4.160  -2.283 -5.147  1.00 31.37 ? 261 CYS A CA  1 
ATOM   270 C  C   . CYS A 1 33 ? -5.181  -3.408 -5.262  1.00 33.86 ? 261 CYS A C   1 
ATOM   271 O  O   . CYS A 1 33 ? -4.879  -4.560 -4.928  1.00 30.71 ? 261 CYS A O   1 
ATOM   272 C  CB  . CYS A 1 33 ? -3.006  -2.504 -6.115  1.00 28.63 ? 261 CYS A CB  1 
ATOM   273 S  SG  . CYS A 1 33 ? -3.561  -2.660 -7.800  1.00 32.18 ? 261 CYS A SG  1 
ATOM   274 N  N   . GLU A 1 34 ? -6.389  -3.056 -5.729  1.00 39.26 ? 262 GLU A N   1 
ATOM   275 C  CA  . GLU A 1 34 ? -7.475  -4.021 -5.911  1.00 38.52 ? 262 GLU A CA  1 
ATOM   276 C  C   . GLU A 1 34 ? -7.025  -5.261 -6.659  1.00 38.87 ? 262 GLU A C   1 
ATOM   277 O  O   . GLU A 1 34 ? -7.497  -6.370 -6.385  1.00 40.61 ? 262 GLU A O   1 
ATOM   278 C  CB  . GLU A 1 34 ? -8.579  -3.413 -6.776  1.00 40.87 ? 262 GLU A CB  1 
ATOM   279 C  CG  . GLU A 1 34 ? -9.316  -2.193 -6.310  1.00 44.27 ? 262 GLU A CG  1 
ATOM   280 C  CD  . GLU A 1 34 ? -10.636 -2.082 -7.071  1.00 46.64 ? 262 GLU A CD  1 
ATOM   281 O  OE1 . GLU A 1 34 ? -11.704 -2.006 -6.425  1.00 50.68 ? 262 GLU A OE1 1 
ATOM   282 O  OE2 . GLU A 1 34 ? -10.597 -2.095 -8.326  1.00 41.06 ? 262 GLU A OE2 1 
ATOM   283 N  N   . ASP A 1 35 ? -6.156  -5.088 -7.648  1.00 36.05 ? 263 ASP A N   1 
ATOM   284 C  CA  . ASP A 1 35 ? -5.984  -6.102 -8.673  1.00 35.73 ? 263 ASP A CA  1 
ATOM   285 C  C   . ASP A 1 35 ? -4.742  -6.963 -8.492  1.00 35.72 ? 263 ASP A C   1 
ATOM   286 O  O   . ASP A 1 35 ? -4.804  -8.166 -8.753  1.00 42.48 ? 263 ASP A O   1 
ATOM   287 C  CB  . ASP A 1 35 ? -6.002  -5.446 -10.053 1.00 39.07 ? 263 ASP A CB  1 
ATOM   288 C  CG  . ASP A 1 35 ? -7.382  -4.907 -10.418 1.00 40.91 ? 263 ASP A CG  1 
ATOM   289 O  OD1 . ASP A 1 35 ? -8.352  -5.701 -10.416 1.00 42.56 ? 263 ASP A OD1 1 
ATOM   290 O  OD2 . ASP A 1 35 ? -7.486  -3.698 -10.713 1.00 43.06 ? 263 ASP A OD2 1 
ATOM   291 N  N   . CYS A 1 36 ? -3.617  -6.400 -8.049  1.00 29.89 ? 264 CYS A N   1 
ATOM   292 C  CA  . CYS A 1 36 ? -2.413  -7.202 -7.851  1.00 31.81 ? 264 CYS A CA  1 
ATOM   293 C  C   . CYS A 1 36 ? -2.038  -7.399 -6.388  1.00 26.63 ? 264 CYS A C   1 
ATOM   294 O  O   . CYS A 1 36 ? -1.123  -8.174 -6.105  1.00 26.49 ? 264 CYS A O   1 
ATOM   295 C  CB  . CYS A 1 36 ? -1.216  -6.604 -8.603  1.00 27.72 ? 264 CYS A CB  1 
ATOM   296 S  SG  . CYS A 1 36 ? -0.578  -5.099 -7.870  1.00 28.23 ? 264 CYS A SG  1 
ATOM   297 N  N   . GLY A 1 37 ? -2.705  -6.728 -5.461  1.00 28.78 ? 265 GLY A N   1 
ATOM   298 C  CA  . GLY A 1 37 ? -2.386  -6.897 -4.055  1.00 26.21 ? 265 GLY A CA  1 
ATOM   299 C  C   . GLY A 1 37 ? -1.243  -6.068 -3.498  1.00 28.20 ? 265 GLY A C   1 
ATOM   300 O  O   . GLY A 1 37 ? -0.770  -6.349 -2.398  1.00 30.11 ? 265 GLY A O   1 
ATOM   301 N  N   . MET A 1 38 ? -0.789  -5.043 -4.198  1.00 26.49 ? 266 MET A N   1 
ATOM   302 C  CA  . MET A 1 38 ? 0.414   -4.376 -3.736  1.00 26.22 ? 266 MET A CA  1 
ATOM   303 C  C   . MET A 1 38 ? 0.006   -3.399 -2.638  1.00 22.93 ? 266 MET A C   1 
ATOM   304 O  O   . MET A 1 38 ? -1.052  -2.763 -2.715  1.00 27.02 ? 266 MET A O   1 
ATOM   305 C  CB  . MET A 1 38 ? 1.115   -3.702 -4.924  1.00 23.70 ? 266 MET A CB  1 
ATOM   306 C  CG  . MET A 1 38 ? 2.448   -3.098 -4.608  1.00 26.26 ? 266 MET A CG  1 
ATOM   307 S  SD  . MET A 1 38 ? 3.084   -1.976 -5.841  1.00 24.89 ? 266 MET A SD  1 
ATOM   308 C  CE  . MET A 1 38 ? 4.766   -1.787 -5.271  1.00 24.22 ? 266 MET A CE  1 
ATOM   309 N  N   . ASN A 1 39 ? 0.789   -3.356 -1.561  1.00 25.10 ? 267 ASN A N   1 
ATOM   310 C  CA  . ASN A 1 39 ? 0.543   -2.456 -0.431  1.00 24.48 ? 267 ASN A CA  1 
ATOM   311 C  C   . ASN A 1 39 ? 1.620   -1.374 -0.365  1.00 22.18 ? 267 ASN A C   1 
ATOM   312 O  O   . ASN A 1 39 ? 2.810   -1.692 -0.445  1.00 20.44 ? 267 ASN A O   1 
ATOM   313 C  CB  . ASN A 1 39 ? 0.597   -3.261 0.861   1.00 26.72 ? 267 ASN A CB  1 
ATOM   314 C  CG  . ASN A 1 39 ? -0.415  -4.393 0.880   1.00 25.79 ? 267 ASN A CG  1 
ATOM   315 O  OD1 . ASN A 1 39 ? -1.610  -4.158 0.667   1.00 28.11 ? 267 ASN A OD1 1 
ATOM   316 N  ND2 . ASN A 1 39 ? 0.054   -5.631 1.102   1.00 25.01 ? 267 ASN A ND2 1 
ATOM   317 N  N   . VAL A 1 40 ? 1.215   -0.110 -0.201  1.00 25.35 ? 268 VAL A N   1 
ATOM   318 C  CA  . VAL A 1 40 ? 2.175   0.998  -0.175  1.00 23.97 ? 268 VAL A CA  1 
ATOM   319 C  C   . VAL A 1 40 ? 1.775   2.035  0.868   1.00 22.02 ? 268 VAL A C   1 
ATOM   320 O  O   . VAL A 1 40 ? 0.591   2.225  1.149   1.00 22.94 ? 268 VAL A O   1 
ATOM   321 C  CB  . VAL A 1 40 ? 2.332   1.669  -1.553  1.00 22.52 ? 268 VAL A CB  1 
ATOM   322 C  CG1 . VAL A 1 40 ? 2.842   0.628  -2.600  1.00 20.67 ? 268 VAL A CG1 1 
ATOM   323 C  CG2 . VAL A 1 40 ? 1.041   2.312  -1.977  1.00 24.74 ? 268 VAL A CG2 1 
ATOM   324 N  N   . HIS A 1 41 ? 2.781   2.681  1.474   1.00 19.61 ? 269 HIS A N   1 
ATOM   325 C  CA  . HIS A 1 41 ? 2.560   3.904  2.236   1.00 23.79 ? 269 HIS A CA  1 
ATOM   326 C  C   . HIS A 1 41 ? 1.990   4.960  1.307   1.00 25.54 ? 269 HIS A C   1 
ATOM   327 O  O   . HIS A 1 41 ? 2.182   4.921  0.092   1.00 25.53 ? 269 HIS A O   1 
ATOM   328 C  CB  . HIS A 1 41 ? 3.888   4.460  2.739   1.00 19.80 ? 269 HIS A CB  1 
ATOM   329 C  CG  . HIS A 1 41 ? 4.560   3.637  3.796   1.00 22.89 ? 269 HIS A CG  1 
ATOM   330 N  ND1 . HIS A 1 41 ? 5.758   2.997  3.577   1.00 17.64 ? 269 HIS A ND1 1 
ATOM   331 C  CD2 . HIS A 1 41 ? 4.279   3.460  5.108   1.00 19.92 ? 269 HIS A CD2 1 
ATOM   332 C  CE1 . HIS A 1 41 ? 6.149   2.394  4.688   1.00 24.06 ? 269 HIS A CE1 1 
ATOM   333 N  NE2 . HIS A 1 41 ? 5.265   2.651  5.636   1.00 20.53 ? 269 HIS A NE2 1 
ATOM   334 N  N   . HIS A 1 42 ? 1.297   5.936  1.902   1.00 24.91 ? 270 HIS A N   1 
ATOM   335 C  CA  . HIS A 1 42 ? 0.901   7.138  1.161   1.00 25.92 ? 270 HIS A CA  1 
ATOM   336 C  C   . HIS A 1 42 ? 2.096   7.807  0.484   1.00 23.54 ? 270 HIS A C   1 
ATOM   337 O  O   . HIS A 1 42 ? 2.022   8.178  -0.696  1.00 24.81 ? 270 HIS A O   1 
ATOM   338 C  CB  . HIS A 1 42 ? 0.163   8.113  2.087   1.00 28.10 ? 270 HIS A CB  1 
ATOM   339 C  CG  . HIS A 1 42 ? -1.106  7.557  2.661   1.00 28.59 ? 270 HIS A CG  1 
ATOM   340 N  ND1 . HIS A 1 42 ? -2.311  7.603  1.986   1.00 35.21 ? 270 HIS A ND1 1 
ATOM   341 C  CD2 . HIS A 1 42 ? -1.342  6.870  3.804   1.00 29.90 ? 270 HIS A CD2 1 
ATOM   342 C  CE1 . HIS A 1 42 ? -3.244  7.022  2.718   1.00 33.60 ? 270 HIS A CE1 1 
ATOM   343 N  NE2 . HIS A 1 42 ? -2.680  6.556  3.820   1.00 35.98 ? 270 HIS A NE2 1 
ATOM   344 N  N   . LYS A 1 43 ? 3.219   7.949  1.209   1.00 23.24 ? 271 LYS A N   1 
ATOM   345 C  CA  . LYS A 1 43 ? 4.409   8.606  0.658   1.00 22.84 ? 271 LYS A CA  1 
ATOM   346 C  C   . LYS A 1 43 ? 5.081   7.787  -0.453  1.00 27.21 ? 271 LYS A C   1 
ATOM   347 O  O   . LYS A 1 43 ? 5.932   8.330  -1.174  1.00 26.24 ? 271 LYS A O   1 
ATOM   348 C  CB  . LYS A 1 43 ? 5.442   8.870  1.754   1.00 17.20 ? 271 LYS A CB  1 
ATOM   349 C  CG  . LYS A 1 43 ? 6.001   7.639  2.470   1.00 23.28 ? 271 LYS A CG  1 
ATOM   350 C  CD  . LYS A 1 43 ? 7.339   8.004  3.080   1.00 24.67 ? 271 LYS A CD  1 
ATOM   351 C  CE  . LYS A 1 43 ? 7.854   6.924  3.990   1.00 21.09 ? 271 LYS A CE  1 
ATOM   352 N  NZ  . LYS A 1 43 ? 8.807   7.603  4.936   1.00 26.66 ? 271 LYS A NZ  1 
ATOM   353 N  N   . CYS A 1 44 ? 4.756   6.492  -0.586  1.00 22.43 ? 272 CYS A N   1 
ATOM   354 C  CA  . CYS A 1 44 ? 5.396   5.586  -1.539  1.00 23.77 ? 272 CYS A CA  1 
ATOM   355 C  C   . CYS A 1 44 ? 4.596   5.379  -2.820  1.00 26.36 ? 272 CYS A C   1 
ATOM   356 O  O   . CYS A 1 44 ? 5.145   4.866  -3.803  1.00 26.07 ? 272 CYS A O   1 
ATOM   357 C  CB  . CYS A 1 44 ? 5.717   4.259  -0.845  1.00 22.16 ? 272 CYS A CB  1 
ATOM   358 S  SG  . CYS A 1 44 ? 7.040   4.379  0.363   1.00 21.97 ? 272 CYS A SG  1 
ATOM   359 N  N   . ARG A 1 45 ? 3.332   5.786  -2.853  1.00 22.44 ? 273 ARG A N   1 
ATOM   360 C  CA  . ARG A 1 45 ? 2.503   5.549  -4.037  1.00 26.68 ? 273 ARG A CA  1 
ATOM   361 C  C   . ARG A 1 45 ? 3.062   6.243  -5.276  1.00 31.88 ? 273 ARG A C   1 
ATOM   362 O  O   . ARG A 1 45 ? 3.047   5.672  -6.372  1.00 32.84 ? 273 ARG A O   1 
ATOM   363 C  CB  . ARG A 1 45 ? 1.065   5.987  -3.763  1.00 29.76 ? 273 ARG A CB  1 
ATOM   364 C  CG  . ARG A 1 45 ? 0.163   5.943  -4.975  1.00 27.43 ? 273 ARG A CG  1 
ATOM   365 C  CD  . ARG A 1 45 ? -1.128  6.675  -4.663  1.00 33.28 ? 273 ARG A CD  1 
ATOM   366 N  NE  . ARG A 1 45 ? -2.223  6.322  -5.567  1.00 34.16 ? 273 ARG A NE  1 
ATOM   367 C  CZ  . ARG A 1 45 ? -3.491  6.684  -5.381  1.00 31.93 ? 273 ARG A CZ  1 
ATOM   368 N  NH1 . ARG A 1 45 ? -3.825  7.395  -4.311  1.00 34.48 ? 273 ARG A NH1 1 
ATOM   369 N  NH2 . ARG A 1 45 ? -4.427  6.340  -6.263  1.00 37.03 ? 273 ARG A NH2 1 
ATOM   370 N  N   . GLU A 1 46 ? 3.569   7.474  -5.126  1.00 26.43 ? 274 GLU A N   1 
ATOM   371 C  CA  . GLU A 1 46 ? 4.174   8.175  -6.253  1.00 30.23 ? 274 GLU A CA  1 
ATOM   372 C  C   . GLU A 1 46 ? 5.442   7.481  -6.730  1.00 32.80 ? 274 GLU A C   1 
ATOM   373 O  O   . GLU A 1 46 ? 5.811   7.601  -7.906  1.00 36.19 ? 274 GLU A O   1 
ATOM   374 C  CB  . GLU A 1 46 ? 4.480   9.633  -5.870  1.00 36.76 ? 274 GLU A CB  1 
ATOM   375 C  CG  . GLU A 1 46 ? 3.350   10.659 -6.124  1.00 38.35 ? 274 GLU A CG  1 
ATOM   376 C  CD  . GLU A 1 46 ? 3.020   10.829 -7.621  1.00 39.95 ? 274 GLU A CD  1 
ATOM   377 O  OE1 . GLU A 1 46 ? 3.589   11.767 -8.254  1.00 39.89 ? 274 GLU A OE1 1 
ATOM   378 O  OE2 . GLU A 1 46 ? 2.213   10.021 -8.158  1.00 35.61 ? 274 GLU A OE2 1 
ATOM   379 N  N   . LYS A 1 47 ? 6.119   6.754  -5.839  1.00 30.25 ? 275 LYS A N   1 
ATOM   380 C  CA  . LYS A 1 47 ? 7.412   6.181  -6.182  1.00 32.44 ? 275 LYS A CA  1 
ATOM   381 C  C   . LYS A 1 47 ? 7.302   4.869  -6.953  1.00 33.59 ? 275 LYS A C   1 
ATOM   382 O  O   . LYS A 1 47 ? 8.250   4.502  -7.656  1.00 33.49 ? 275 LYS A O   1 
ATOM   383 C  CB  . LYS A 1 47 ? 8.251   6.001  -4.916  1.00 30.06 ? 275 LYS A CB  1 
ATOM   384 C  CG  . LYS A 1 47 ? 8.445   7.298  -4.100  1.00 32.69 ? 275 LYS A CG  1 
ATOM   385 C  CD  . LYS A 1 47 ? 9.007   8.449  -4.938  1.00 36.27 ? 275 LYS A CD  1 
ATOM   386 C  CE  . LYS A 1 47 ? 9.556   9.580  -4.053  1.00 39.70 ? 275 LYS A CE  1 
ATOM   387 N  NZ  . LYS A 1 47 ? 8.536   10.668 -3.895  1.00 40.15 ? 275 LYS A NZ  1 
ATOM   388 N  N   . VAL A 1 48 ? 6.174   4.162  -6.872  1.00 34.31 ? 276 VAL A N   1 
ATOM   389 C  CA  . VAL A 1 48 ? 6.049   2.881  -7.552  1.00 33.89 ? 276 VAL A CA  1 
ATOM   390 C  C   . VAL A 1 48 ? 5.726   3.117  -9.018  1.00 34.42 ? 276 VAL A C   1 
ATOM   391 O  O   . VAL A 1 48 ? 5.002   4.062  -9.368  1.00 34.71 ? 276 VAL A O   1 
ATOM   392 C  CB  . VAL A 1 48 ? 5.002   1.979  -6.866  1.00 33.52 ? 276 VAL A CB  1 
ATOM   393 C  CG1 . VAL A 1 48 ? 5.315   1.811  -5.366  1.00 28.01 ? 276 VAL A CG1 1 
ATOM   394 C  CG2 . VAL A 1 48 ? 3.591   2.500  -7.089  1.00 34.52 ? 276 VAL A CG2 1 
ATOM   395 N  N   . ALA A 1 49 ? 6.309   2.281  -9.882  1.00 38.43 ? 277 ALA A N   1 
ATOM   396 C  CA  . ALA A 1 49 ? 5.949   2.289  -11.291 1.00 40.40 ? 277 ALA A CA  1 
ATOM   397 C  C   . ALA A 1 49 ? 4.464   1.989  -11.415 1.00 38.73 ? 277 ALA A C   1 
ATOM   398 O  O   . ALA A 1 49 ? 3.887   1.265  -10.599 1.00 41.49 ? 277 ALA A O   1 
ATOM   399 C  CB  . ALA A 1 49 ? 6.758   1.231  -12.043 1.00 41.86 ? 277 ALA A CB  1 
ATOM   400 N  N   . ASN A 1 50 ? 3.823   2.574  -12.418 1.00 44.38 ? 278 ASN A N   1 
ATOM   401 C  CA  . ASN A 1 50 ? 2.371   2.461  -12.505 1.00 43.25 ? 278 ASN A CA  1 
ATOM   402 C  C   . ASN A 1 50 ? 1.982   1.332  -13.460 1.00 45.37 ? 278 ASN A C   1 
ATOM   403 O  O   . ASN A 1 50 ? 1.293   1.507  -14.462 1.00 47.75 ? 278 ASN A O   1 
ATOM   404 C  CB  . ASN A 1 50 ? 1.748   3.797  -12.879 1.00 45.39 ? 278 ASN A CB  1 
ATOM   405 C  CG  . ASN A 1 50 ? 0.311   3.900  -12.425 1.00 55.01 ? 278 ASN A CG  1 
ATOM   406 O  OD1 . ASN A 1 50 ? -0.096  3.218  -11.469 1.00 53.27 ? 278 ASN A OD1 1 
ATOM   407 N  ND2 . ASN A 1 50 ? -0.468  4.752  -13.088 1.00 59.44 ? 278 ASN A ND2 1 
ATOM   408 N  N   . LEU A 1 51 ? 2.441   0.135  -13.103 1.00 44.32 ? 279 LEU A N   1 
ATOM   409 C  CA  . LEU A 1 51 ? 2.357   -1.046 -13.956 1.00 45.86 ? 279 LEU A CA  1 
ATOM   410 C  C   . LEU A 1 51 ? 1.800   -2.204 -13.133 1.00 44.74 ? 279 LEU A C   1 
ATOM   411 O  O   . LEU A 1 51 ? 2.529   -2.807 -12.336 1.00 45.93 ? 279 LEU A O   1 
ATOM   412 C  CB  . LEU A 1 51 ? 3.751   -1.394 -14.470 1.00 48.12 ? 279 LEU A CB  1 
ATOM   413 C  CG  . LEU A 1 51 ? 3.853   -2.559 -15.447 1.00 48.57 ? 279 LEU A CG  1 
ATOM   414 C  CD1 . LEU A 1 51 ? 3.102   -2.238 -16.732 1.00 49.04 ? 279 LEU A CD1 1 
ATOM   415 C  CD2 . LEU A 1 51 ? 5.313   -2.921 -15.706 1.00 50.94 ? 279 LEU A CD2 1 
ATOM   416 N  N   . CYS A 1 52 ? 0.525   -2.535 -13.336 1.00 41.72 ? 280 CYS A N   1 
ATOM   417 C  CA  . CYS A 1 52 ? -0.132  -3.532 -12.492 1.00 37.59 ? 280 CYS A CA  1 
ATOM   418 C  C   . CYS A 1 52 ? -0.037  -4.924 -13.122 1.00 43.76 ? 280 CYS A C   1 
ATOM   419 O  O   . CYS A 1 52 ? -0.340  -5.081 -14.308 1.00 46.38 ? 280 CYS A O   1 
ATOM   420 C  CB  . CYS A 1 52 ? -1.595  -3.141 -12.255 1.00 35.81 ? 280 CYS A CB  1 
ATOM   421 S  SG  . CYS A 1 52 ? -2.481  -4.146 -11.030 1.00 35.09 ? 280 CYS A SG  1 
HETATM 422 ZN ZN  . ZN  B 2 .  ? 6.857   2.606  1.812   1.00 21.99 ? 301 ZN  A ZN  1 
HETATM 423 ZN ZN  . ZN  C 2 .  ? -1.706  -3.425 -8.979  1.00 29.92 ? 302 ZN  A ZN  1 
HETATM 424 O  O   . HOH D 3 .  ? -2.862  8.499  -2.554  1.00 39.78 ? 401 HOH A O   1 
HETATM 425 O  O   . HOH D 3 .  ? -3.977  4.672  -8.044  1.00 39.18 ? 402 HOH A O   1 
HETATM 426 O  O   . HOH D 3 .  ? 3.089   8.959  -2.818  1.00 31.21 ? 403 HOH A O   1 
HETATM 427 O  O   . HOH D 3 .  ? 4.630   -0.902 -9.550  1.00 38.39 ? 404 HOH A O   1 
HETATM 428 O  O   . HOH D 3 .  ? 3.009   -6.011 1.991   1.00 21.25 ? 405 HOH A O   1 
HETATM 429 O  O   . HOH D 3 .  ? 4.912   -2.482 -11.369 1.00 39.65 ? 406 HOH A O   1 
HETATM 430 O  O   . HOH D 3 .  ? 1.656   3.901  7.357   1.00 27.56 ? 407 HOH A O   1 
HETATM 431 O  O   . HOH D 3 .  ? 1.144   5.407  4.496   1.00 37.73 ? 408 HOH A O   1 
HETATM 432 O  O   . HOH D 3 .  ? 6.750   -7.475 -0.459  1.00 26.82 ? 409 HOH A O   1 
HETATM 433 O  O   . HOH D 3 .  ? -9.751  -3.198 6.374   1.00 38.96 ? 410 HOH A O   1 
HETATM 434 O  O   . HOH D 3 .  ? 8.290   -0.410 -6.181  1.00 29.83 ? 411 HOH A O   1 
HETATM 435 O  O   . HOH D 3 .  ? 8.960   -2.746 -4.812  1.00 36.73 ? 412 HOH A O   1 
HETATM 436 O  O   . HOH D 3 .  ? 9.201   1.147  11.193  1.00 35.27 ? 413 HOH A O   1 
HETATM 437 O  O   . HOH D 3 .  ? 0.495   -0.337 12.069  1.00 29.98 ? 414 HOH A O   1 
HETATM 438 O  O   . HOH D 3 .  ? 1.785   2.044  14.326  1.00 37.21 ? 415 HOH A O   1 
HETATM 439 O  O   . HOH D 3 .  ? 3.786   -7.230 4.242   1.00 25.71 ? 416 HOH A O   1 
HETATM 440 O  O   . HOH D 3 .  ? 0.460   -9.386 -4.088  1.00 26.38 ? 417 HOH A O   1 
HETATM 441 O  O   . HOH D 3 .  ? 7.294   -0.147 -8.720  1.00 32.72 ? 418 HOH A O   1 
HETATM 442 O  O   . HOH D 3 .  ? -7.034  -0.972 11.219  1.00 34.57 ? 419 HOH A O   1 
HETATM 443 O  O   . HOH D 3 .  ? 10.672  9.058  3.274   1.00 35.32 ? 420 HOH A O   1 
HETATM 444 O  O   . HOH D 3 .  ? 0.427   -2.571 9.241   1.00 27.05 ? 421 HOH A O   1 
HETATM 445 O  O   . HOH D 3 .  ? -11.946 -1.932 7.399   1.00 35.66 ? 422 HOH A O   1 
HETATM 446 O  O   . HOH D 3 .  ? -3.269  -7.079 3.410   1.00 35.47 ? 423 HOH A O   1 
HETATM 447 O  O   . HOH D 3 .  ? -1.850  5.956  14.212  1.00 34.22 ? 424 HOH A O   1 
HETATM 448 O  O   . HOH D 3 .  ? 9.847   -1.305 9.891   1.00 35.94 ? 425 HOH A O   1 
HETATM 449 O  O   . HOH D 3 .  ? 3.422   11.507 1.540   1.00 33.86 ? 426 HOH A O   1 
# 
loop_
_pdbx_poly_seq_scheme.asym_id 
_pdbx_poly_seq_scheme.entity_id 
_pdbx_poly_seq_scheme.seq_id 
_pdbx_poly_seq_scheme.mon_id 
_pdbx_poly_seq_scheme.ndb_seq_num 
_pdbx_poly_seq_scheme.pdb_seq_num 
_pdbx_poly_seq_scheme.auth_seq_num 
_pdbx_poly_seq_scheme.pdb_mon_id 
_pdbx_poly_seq_scheme.auth_mon_id 
_pdbx_poly_seq_scheme.pdb_strand_id 
_pdbx_poly_seq_scheme.pdb_ins_code 
_pdbx_poly_seq_scheme.hetero 
A 1 1  MET 1  229 229 MET MET A . n 
A 1 2  PRO 2  230 230 PRO PRO A . n 
A 1 3  HIS 3  231 231 HIS HIS A . n 
A 1 4  ARG 4  232 232 ARG ARG A . n 
A 1 5  PHE 5  233 233 PHE PHE A . n 
A 1 6  LYS 6  234 234 LYS LYS A . n 
A 1 7  VAL 7  235 235 VAL VAL A . n 
A 1 8  TYR 8  236 236 TYR TYR A . n 
A 1 9  ASN 9  237 237 ASN ASN A . n 
A 1 10 TYR 10 238 238 TYR TYR A . n 
A 1 11 MET 11 239 239 MET MET A . n 
A 1 12 SER 12 240 240 SER SER A . n 
A 1 13 PRO 13 241 241 PRO PRO A . n 
A 1 14 THR 14 242 242 THR THR A . n 
A 1 15 PHE 15 243 243 PHE PHE A . n 
A 1 16 CYS 16 244 244 CYS CYS A . n 
A 1 17 ASP 17 245 245 ASP ASP A . n 
A 1 18 HIS 18 246 246 HIS HIS A . n 
A 1 19 CYS 19 247 247 CYS CYS A . n 
A 1 20 GLY 20 248 248 GLY GLY A . n 
A 1 21 SER 21 249 249 SER SER A . n 
A 1 22 LEU 22 250 250 LEU LEU A . n 
A 1 23 LEU 23 251 251 LEU LEU A . n 
A 1 24 TRP 24 252 252 TRP TRP A . n 
A 1 25 GLY 25 253 253 GLY GLY A . n 
A 1 26 LEU 26 254 254 LEU LEU A . n 
A 1 27 VAL 27 255 255 VAL VAL A . n 
A 1 28 LYS 28 256 256 LYS LYS A . n 
A 1 29 GLN 29 257 257 GLN GLN A . n 
A 1 30 GLY 30 258 258 GLY GLY A . n 
A 1 31 LEU 31 259 259 LEU LEU A . n 
A 1 32 LYS 32 260 260 LYS LYS A . n 
A 1 33 CYS 33 261 261 CYS CYS A . n 
A 1 34 GLU 34 262 262 GLU GLU A . n 
A 1 35 ASP 35 263 263 ASP ASP A . n 
A 1 36 CYS 36 264 264 CYS CYS A . n 
A 1 37 GLY 37 265 265 GLY GLY A . n 
A 1 38 MET 38 266 266 MET MET A . n 
A 1 39 ASN 39 267 267 ASN ASN A . n 
A 1 40 VAL 40 268 268 VAL VAL A . n 
A 1 41 HIS 41 269 269 HIS HIS A . n 
A 1 42 HIS 42 270 270 HIS HIS A . n 
A 1 43 LYS 43 271 271 LYS LYS A . n 
A 1 44 CYS 44 272 272 CYS CYS A . n 
A 1 45 ARG 45 273 273 ARG ARG A . n 
A 1 46 GLU 46 274 274 GLU GLU A . n 
A 1 47 LYS 47 275 275 LYS LYS A . n 
A 1 48 VAL 48 276 276 VAL VAL A . n 
A 1 49 ALA 49 277 277 ALA ALA A . n 
A 1 50 ASN 50 278 278 ASN ASN A . n 
A 1 51 LEU 51 279 279 LEU LEU A . n 
A 1 52 CYS 52 280 280 CYS CYS A . n 
A 1 53 GLY 53 281 ?   ?   ?   A . n 
# 
loop_
_pdbx_nonpoly_scheme.asym_id 
_pdbx_nonpoly_scheme.entity_id 
_pdbx_nonpoly_scheme.mon_id 
_pdbx_nonpoly_scheme.ndb_seq_num 
_pdbx_nonpoly_scheme.pdb_seq_num 
_pdbx_nonpoly_scheme.auth_seq_num 
_pdbx_nonpoly_scheme.pdb_mon_id 
_pdbx_nonpoly_scheme.auth_mon_id 
_pdbx_nonpoly_scheme.pdb_strand_id 
_pdbx_nonpoly_scheme.pdb_ins_code 
B 2 ZN  1  301 1  ZN  ZN  A . 
C 2 ZN  1  302 2  ZN  ZN  A . 
D 3 HOH 1  401 16 HOH HOH A . 
D 3 HOH 2  402 14 HOH HOH A . 
D 3 HOH 3  403 6  HOH HOH A . 
D 3 HOH 4  404 24 HOH HOH A . 
D 3 HOH 5  405 1  HOH HOH A . 
D 3 HOH 6  406 18 HOH HOH A . 
D 3 HOH 7  407 4  HOH HOH A . 
D 3 HOH 8  408 26 HOH HOH A . 
D 3 HOH 9  409 3  HOH HOH A . 
D 3 HOH 10 410 21 HOH HOH A . 
D 3 HOH 11 411 23 HOH HOH A . 
D 3 HOH 12 412 22 HOH HOH A . 
D 3 HOH 13 413 17 HOH HOH A . 
D 3 HOH 14 414 20 HOH HOH A . 
D 3 HOH 15 415 11 HOH HOH A . 
D 3 HOH 16 416 5  HOH HOH A . 
D 3 HOH 17 417 7  HOH HOH A . 
D 3 HOH 18 418 9  HOH HOH A . 
D 3 HOH 19 419 19 HOH HOH A . 
D 3 HOH 20 420 8  HOH HOH A . 
D 3 HOH 21 421 2  HOH HOH A . 
D 3 HOH 22 422 15 HOH HOH A . 
D 3 HOH 23 423 10 HOH HOH A . 
D 3 HOH 24 424 13 HOH HOH A . 
D 3 HOH 25 425 12 HOH HOH A . 
D 3 HOH 26 426 25 HOH HOH A . 
# 
_pdbx_struct_assembly.id                   1 
_pdbx_struct_assembly.details              author_defined_assembly 
_pdbx_struct_assembly.method_details       ? 
_pdbx_struct_assembly.oligomeric_details   monomeric 
_pdbx_struct_assembly.oligomeric_count     1 
# 
_pdbx_struct_assembly_gen.assembly_id       1 
_pdbx_struct_assembly_gen.oper_expression   1 
_pdbx_struct_assembly_gen.asym_id_list      A,B,C,D 
# 
loop_
_pdbx_struct_assembly_prop.biol_id 
_pdbx_struct_assembly_prop.type 
_pdbx_struct_assembly_prop.value 
_pdbx_struct_assembly_prop.details 
1 'ABSA (A^2)' 0    ? 
1 MORE         0    ? 
1 'SSA (A^2)'  3980 ? 
# 
_pdbx_struct_oper_list.id                   1 
_pdbx_struct_oper_list.type                 'identity operation' 
_pdbx_struct_oper_list.name                 1_555 
_pdbx_struct_oper_list.symmetry_operation   x,y,z 
_pdbx_struct_oper_list.matrix[1][1]         1.0000000000 
_pdbx_struct_oper_list.matrix[1][2]         0.0000000000 
_pdbx_struct_oper_list.matrix[1][3]         0.0000000000 
_pdbx_struct_oper_list.vector[1]            0.0000000000 
_pdbx_struct_oper_list.matrix[2][1]         0.0000000000 
_pdbx_struct_oper_list.matrix[2][2]         1.0000000000 
_pdbx_struct_oper_list.matrix[2][3]         0.0000000000 
_pdbx_struct_oper_list.vector[2]            0.0000000000 
_pdbx_struct_oper_list.matrix[3][1]         0.0000000000 
_pdbx_struct_oper_list.matrix[3][2]         0.0000000000 
_pdbx_struct_oper_list.matrix[3][3]         1.0000000000 
_pdbx_struct_oper_list.vector[3]            0.0000000000 
# 
loop_
_pdbx_struct_conn_angle.id 
_pdbx_struct_conn_angle.ptnr1_label_atom_id 
_pdbx_struct_conn_angle.ptnr1_label_alt_id 
_pdbx_struct_conn_angle.ptnr1_label_asym_id 
_pdbx_struct_conn_angle.ptnr1_label_comp_id 
_pdbx_struct_conn_angle.ptnr1_label_seq_id 
_pdbx_struct_conn_angle.ptnr1_auth_atom_id 
_pdbx_struct_conn_angle.ptnr1_auth_asym_id 
_pdbx_struct_conn_angle.ptnr1_auth_comp_id 
_pdbx_struct_conn_angle.ptnr1_auth_seq_id 
_pdbx_struct_conn_angle.ptnr1_PDB_ins_code 
_pdbx_struct_conn_angle.ptnr1_symmetry 
_pdbx_struct_conn_angle.ptnr2_label_atom_id 
_pdbx_struct_conn_angle.ptnr2_label_alt_id 
_pdbx_struct_conn_angle.ptnr2_label_asym_id 
_pdbx_struct_conn_angle.ptnr2_label_comp_id 
_pdbx_struct_conn_angle.ptnr2_label_seq_id 
_pdbx_struct_conn_angle.ptnr2_auth_atom_id 
_pdbx_struct_conn_angle.ptnr2_auth_asym_id 
_pdbx_struct_conn_angle.ptnr2_auth_comp_id 
_pdbx_struct_conn_angle.ptnr2_auth_seq_id 
_pdbx_struct_conn_angle.ptnr2_PDB_ins_code 
_pdbx_struct_conn_angle.ptnr2_symmetry 
_pdbx_struct_conn_angle.ptnr3_label_atom_id 
_pdbx_struct_conn_angle.ptnr3_label_alt_id 
_pdbx_struct_conn_angle.ptnr3_label_asym_id 
_pdbx_struct_conn_angle.ptnr3_label_comp_id 
_pdbx_struct_conn_angle.ptnr3_label_seq_id 
_pdbx_struct_conn_angle.ptnr3_auth_atom_id 
_pdbx_struct_conn_angle.ptnr3_auth_asym_id 
_pdbx_struct_conn_angle.ptnr3_auth_comp_id 
_pdbx_struct_conn_angle.ptnr3_auth_seq_id 
_pdbx_struct_conn_angle.ptnr3_PDB_ins_code 
_pdbx_struct_conn_angle.ptnr3_symmetry 
_pdbx_struct_conn_angle.value 
_pdbx_struct_conn_angle.value_esd 
1  ND1 ? A HIS 3  ? A HIS 231 ? 1_555 ZN ? C ZN . ? A ZN 302 ? 1_555 SG  ? A CYS 33 ? A CYS 261 ? 1_555 105.4 ? 
2  ND1 ? A HIS 3  ? A HIS 231 ? 1_555 ZN ? C ZN . ? A ZN 302 ? 1_555 SG  ? A CYS 36 ? A CYS 264 ? 1_555 107.3 ? 
3  SG  ? A CYS 33 ? A CYS 261 ? 1_555 ZN ? C ZN . ? A ZN 302 ? 1_555 SG  ? A CYS 36 ? A CYS 264 ? 1_555 112.6 ? 
4  ND1 ? A HIS 3  ? A HIS 231 ? 1_555 ZN ? C ZN . ? A ZN 302 ? 1_555 SG  ? A CYS 52 ? A CYS 280 ? 1_555 113.4 ? 
5  SG  ? A CYS 33 ? A CYS 261 ? 1_555 ZN ? C ZN . ? A ZN 302 ? 1_555 SG  ? A CYS 52 ? A CYS 280 ? 1_555 106.6 ? 
6  SG  ? A CYS 36 ? A CYS 264 ? 1_555 ZN ? C ZN . ? A ZN 302 ? 1_555 SG  ? A CYS 52 ? A CYS 280 ? 1_555 111.5 ? 
7  SG  ? A CYS 16 ? A CYS 244 ? 1_555 ZN ? B ZN . ? A ZN 301 ? 1_555 SG  ? A CYS 19 ? A CYS 247 ? 1_555 111.1 ? 
8  SG  ? A CYS 16 ? A CYS 244 ? 1_555 ZN ? B ZN . ? A ZN 301 ? 1_555 ND1 ? A HIS 41 ? A HIS 269 ? 1_555 101.3 ? 
9  SG  ? A CYS 19 ? A CYS 247 ? 1_555 ZN ? B ZN . ? A ZN 301 ? 1_555 ND1 ? A HIS 41 ? A HIS 269 ? 1_555 99.2  ? 
10 SG  ? A CYS 16 ? A CYS 244 ? 1_555 ZN ? B ZN . ? A ZN 301 ? 1_555 SG  ? A CYS 44 ? A CYS 272 ? 1_555 114.4 ? 
11 SG  ? A CYS 19 ? A CYS 247 ? 1_555 ZN ? B ZN . ? A ZN 301 ? 1_555 SG  ? A CYS 44 ? A CYS 272 ? 1_555 114.0 ? 
12 ND1 ? A HIS 41 ? A HIS 269 ? 1_555 ZN ? B ZN . ? A ZN 301 ? 1_555 SG  ? A CYS 44 ? A CYS 272 ? 1_555 115.1 ? 
# 
loop_
_pdbx_audit_revision_history.ordinal 
_pdbx_audit_revision_history.data_content_type 
_pdbx_audit_revision_history.major_revision 
_pdbx_audit_revision_history.minor_revision 
_pdbx_audit_revision_history.revision_date 
1 'Structure model' 1 0 2022-05-04 
2 'Structure model' 1 1 2022-07-13 
3 'Structure model' 1 2 2023-10-18 
# 
_pdbx_audit_revision_details.ordinal             1 
_pdbx_audit_revision_details.revision_ordinal    1 
_pdbx_audit_revision_details.data_content_type   'Structure model' 
_pdbx_audit_revision_details.provider            repository 
_pdbx_audit_revision_details.type                'Initial release' 
_pdbx_audit_revision_details.description         ? 
_pdbx_audit_revision_details.details             ? 
# 
loop_
_pdbx_audit_revision_group.ordinal 
_pdbx_audit_revision_group.revision_ordinal 
_pdbx_audit_revision_group.data_content_type 
_pdbx_audit_revision_group.group 
1 2 'Structure model' 'Database references'    
2 3 'Structure model' 'Data collection'        
3 3 'Structure model' 'Refinement description' 
# 
loop_
_pdbx_audit_revision_category.ordinal 
_pdbx_audit_revision_category.revision_ordinal 
_pdbx_audit_revision_category.data_content_type 
_pdbx_audit_revision_category.category 
1 2 'Structure model' citation                      
2 2 'Structure model' citation_author               
3 3 'Structure model' chem_comp_atom                
4 3 'Structure model' chem_comp_bond                
5 3 'Structure model' pdbx_initial_refinement_model 
# 
loop_
_pdbx_audit_revision_item.ordinal 
_pdbx_audit_revision_item.revision_ordinal 
_pdbx_audit_revision_item.data_content_type 
_pdbx_audit_revision_item.item 
1  2 'Structure model' '_citation.country'                 
2  2 'Structure model' '_citation.journal_abbrev'          
3  2 'Structure model' '_citation.journal_id_CSD'          
4  2 'Structure model' '_citation.journal_id_ISSN'         
5  2 'Structure model' '_citation.journal_volume'          
6  2 'Structure model' '_citation.page_first'              
7  2 'Structure model' '_citation.page_last'               
8  2 'Structure model' '_citation.pdbx_database_id_DOI'    
9  2 'Structure model' '_citation.pdbx_database_id_PubMed' 
10 2 'Structure model' '_citation.title'                   
11 2 'Structure model' '_citation.year'                    
# 
loop_
_software.citation_id 
_software.classification 
_software.compiler_name 
_software.compiler_version 
_software.contact_author 
_software.contact_author_email 
_software.date 
_software.description 
_software.dependencies 
_software.hardware 
_software.language 
_software.location 
_software.mods 
_software.name 
_software.os 
_software.os_version 
_software.type 
_software.version 
_software.pdbx_ordinal 
? 'data reduction'  ? ? ? ? ? ? ? ? ? ? ? SAINT       ? ? ? .           1 
? 'data scaling'    ? ? ? ? ? ? ? ? ? ? ? Aimless     ? ? ? 0.7.4       2 
? refinement        ? ? ? ? ? ? ? ? ? ? ? PHENIX      ? ? ? 1.18.2_3874 3 
? 'data extraction' ? ? ? ? ? ? ? ? ? ? ? PDB_EXTRACT ? ? ? 3.27        4 
? phasing           ? ? ? ? ? ? ? ? ? ? ? MOLREP      ? ? ? .           5 
# 
_pdbx_entry_details.entry_id                 7KND 
_pdbx_entry_details.has_ligand_of_interest   N 
_pdbx_entry_details.compound_details         ? 
_pdbx_entry_details.source_details           ? 
_pdbx_entry_details.nonpolymer_details       ? 
_pdbx_entry_details.sequence_details         ? 
# 
loop_
_pdbx_validate_torsion.id 
_pdbx_validate_torsion.PDB_model_num 
_pdbx_validate_torsion.auth_comp_id 
_pdbx_validate_torsion.auth_asym_id 
_pdbx_validate_torsion.auth_seq_id 
_pdbx_validate_torsion.PDB_ins_code 
_pdbx_validate_torsion.label_alt_id 
_pdbx_validate_torsion.phi 
_pdbx_validate_torsion.psi 
1 1 ARG A 232 ? ? -118.86 70.26 
2 1 ASN A 278 ? ? -96.92  59.74 
# 
_pdbx_unobs_or_zero_occ_residues.id               1 
_pdbx_unobs_or_zero_occ_residues.PDB_model_num    1 
_pdbx_unobs_or_zero_occ_residues.polymer_flag     Y 
_pdbx_unobs_or_zero_occ_residues.occupancy_flag   1 
_pdbx_unobs_or_zero_occ_residues.auth_asym_id     A 
_pdbx_unobs_or_zero_occ_residues.auth_comp_id     GLY 
_pdbx_unobs_or_zero_occ_residues.auth_seq_id      281 
_pdbx_unobs_or_zero_occ_residues.PDB_ins_code     ? 
_pdbx_unobs_or_zero_occ_residues.label_asym_id    A 
_pdbx_unobs_or_zero_occ_residues.label_comp_id    GLY 
_pdbx_unobs_or_zero_occ_residues.label_seq_id     53 
# 
loop_
_chem_comp_atom.comp_id 
_chem_comp_atom.atom_id 
_chem_comp_atom.type_symbol 
_chem_comp_atom.pdbx_aromatic_flag 
_chem_comp_atom.pdbx_stereo_config 
_chem_comp_atom.pdbx_ordinal 
ALA N    N  N N 1   
ALA CA   C  N S 2   
ALA C    C  N N 3   
ALA O    O  N N 4   
ALA CB   C  N N 5   
ALA OXT  O  N N 6   
ALA H    H  N N 7   
ALA H2   H  N N 8   
ALA HA   H  N N 9   
ALA HB1  H  N N 10  
ALA HB2  H  N N 11  
ALA HB3  H  N N 12  
ALA HXT  H  N N 13  
ARG N    N  N N 14  
ARG CA   C  N S 15  
ARG C    C  N N 16  
ARG O    O  N N 17  
ARG CB   C  N N 18  
ARG CG   C  N N 19  
ARG CD   C  N N 20  
ARG NE   N  N N 21  
ARG CZ   C  N N 22  
ARG NH1  N  N N 23  
ARG NH2  N  N N 24  
ARG OXT  O  N N 25  
ARG H    H  N N 26  
ARG H2   H  N N 27  
ARG HA   H  N N 28  
ARG HB2  H  N N 29  
ARG HB3  H  N N 30  
ARG HG2  H  N N 31  
ARG HG3  H  N N 32  
ARG HD2  H  N N 33  
ARG HD3  H  N N 34  
ARG HE   H  N N 35  
ARG HH11 H  N N 36  
ARG HH12 H  N N 37  
ARG HH21 H  N N 38  
ARG HH22 H  N N 39  
ARG HXT  H  N N 40  
ASN N    N  N N 41  
ASN CA   C  N S 42  
ASN C    C  N N 43  
ASN O    O  N N 44  
ASN CB   C  N N 45  
ASN CG   C  N N 46  
ASN OD1  O  N N 47  
ASN ND2  N  N N 48  
ASN OXT  O  N N 49  
ASN H    H  N N 50  
ASN H2   H  N N 51  
ASN HA   H  N N 52  
ASN HB2  H  N N 53  
ASN HB3  H  N N 54  
ASN HD21 H  N N 55  
ASN HD22 H  N N 56  
ASN HXT  H  N N 57  
ASP N    N  N N 58  
ASP CA   C  N S 59  
ASP C    C  N N 60  
ASP O    O  N N 61  
ASP CB   C  N N 62  
ASP CG   C  N N 63  
ASP OD1  O  N N 64  
ASP OD2  O  N N 65  
ASP OXT  O  N N 66  
ASP H    H  N N 67  
ASP H2   H  N N 68  
ASP HA   H  N N 69  
ASP HB2  H  N N 70  
ASP HB3  H  N N 71  
ASP HD2  H  N N 72  
ASP HXT  H  N N 73  
CYS N    N  N N 74  
CYS CA   C  N R 75  
CYS C    C  N N 76  
CYS O    O  N N 77  
CYS CB   C  N N 78  
CYS SG   S  N N 79  
CYS OXT  O  N N 80  
CYS H    H  N N 81  
CYS H2   H  N N 82  
CYS HA   H  N N 83  
CYS HB2  H  N N 84  
CYS HB3  H  N N 85  
CYS HG   H  N N 86  
CYS HXT  H  N N 87  
GLN N    N  N N 88  
GLN CA   C  N S 89  
GLN C    C  N N 90  
GLN O    O  N N 91  
GLN CB   C  N N 92  
GLN CG   C  N N 93  
GLN CD   C  N N 94  
GLN OE1  O  N N 95  
GLN NE2  N  N N 96  
GLN OXT  O  N N 97  
GLN H    H  N N 98  
GLN H2   H  N N 99  
GLN HA   H  N N 100 
GLN HB2  H  N N 101 
GLN HB3  H  N N 102 
GLN HG2  H  N N 103 
GLN HG3  H  N N 104 
GLN HE21 H  N N 105 
GLN HE22 H  N N 106 
GLN HXT  H  N N 107 
GLU N    N  N N 108 
GLU CA   C  N S 109 
GLU C    C  N N 110 
GLU O    O  N N 111 
GLU CB   C  N N 112 
GLU CG   C  N N 113 
GLU CD   C  N N 114 
GLU OE1  O  N N 115 
GLU OE2  O  N N 116 
GLU OXT  O  N N 117 
GLU H    H  N N 118 
GLU H2   H  N N 119 
GLU HA   H  N N 120 
GLU HB2  H  N N 121 
GLU HB3  H  N N 122 
GLU HG2  H  N N 123 
GLU HG3  H  N N 124 
GLU HE2  H  N N 125 
GLU HXT  H  N N 126 
GLY N    N  N N 127 
GLY CA   C  N N 128 
GLY C    C  N N 129 
GLY O    O  N N 130 
GLY OXT  O  N N 131 
GLY H    H  N N 132 
GLY H2   H  N N 133 
GLY HA2  H  N N 134 
GLY HA3  H  N N 135 
GLY HXT  H  N N 136 
HIS N    N  N N 137 
HIS CA   C  N S 138 
HIS C    C  N N 139 
HIS O    O  N N 140 
HIS CB   C  N N 141 
HIS CG   C  Y N 142 
HIS ND1  N  Y N 143 
HIS CD2  C  Y N 144 
HIS CE1  C  Y N 145 
HIS NE2  N  Y N 146 
HIS OXT  O  N N 147 
HIS H    H  N N 148 
HIS H2   H  N N 149 
HIS HA   H  N N 150 
HIS HB2  H  N N 151 
HIS HB3  H  N N 152 
HIS HD1  H  N N 153 
HIS HD2  H  N N 154 
HIS HE1  H  N N 155 
HIS HE2  H  N N 156 
HIS HXT  H  N N 157 
HOH O    O  N N 158 
HOH H1   H  N N 159 
HOH H2   H  N N 160 
LEU N    N  N N 161 
LEU CA   C  N S 162 
LEU C    C  N N 163 
LEU O    O  N N 164 
LEU CB   C  N N 165 
LEU CG   C  N N 166 
LEU CD1  C  N N 167 
LEU CD2  C  N N 168 
LEU OXT  O  N N 169 
LEU H    H  N N 170 
LEU H2   H  N N 171 
LEU HA   H  N N 172 
LEU HB2  H  N N 173 
LEU HB3  H  N N 174 
LEU HG   H  N N 175 
LEU HD11 H  N N 176 
LEU HD12 H  N N 177 
LEU HD13 H  N N 178 
LEU HD21 H  N N 179 
LEU HD22 H  N N 180 
LEU HD23 H  N N 181 
LEU HXT  H  N N 182 
LYS N    N  N N 183 
LYS CA   C  N S 184 
LYS C    C  N N 185 
LYS O    O  N N 186 
LYS CB   C  N N 187 
LYS CG   C  N N 188 
LYS CD   C  N N 189 
LYS CE   C  N N 190 
LYS NZ   N  N N 191 
LYS OXT  O  N N 192 
LYS H    H  N N 193 
LYS H2   H  N N 194 
LYS HA   H  N N 195 
LYS HB2  H  N N 196 
LYS HB3  H  N N 197 
LYS HG2  H  N N 198 
LYS HG3  H  N N 199 
LYS HD2  H  N N 200 
LYS HD3  H  N N 201 
LYS HE2  H  N N 202 
LYS HE3  H  N N 203 
LYS HZ1  H  N N 204 
LYS HZ2  H  N N 205 
LYS HZ3  H  N N 206 
LYS HXT  H  N N 207 
MET N    N  N N 208 
MET CA   C  N S 209 
MET C    C  N N 210 
MET O    O  N N 211 
MET CB   C  N N 212 
MET CG   C  N N 213 
MET SD   S  N N 214 
MET CE   C  N N 215 
MET OXT  O  N N 216 
MET H    H  N N 217 
MET H2   H  N N 218 
MET HA   H  N N 219 
MET HB2  H  N N 220 
MET HB3  H  N N 221 
MET HG2  H  N N 222 
MET HG3  H  N N 223 
MET HE1  H  N N 224 
MET HE2  H  N N 225 
MET HE3  H  N N 226 
MET HXT  H  N N 227 
PHE N    N  N N 228 
PHE CA   C  N S 229 
PHE C    C  N N 230 
PHE O    O  N N 231 
PHE CB   C  N N 232 
PHE CG   C  Y N 233 
PHE CD1  C  Y N 234 
PHE CD2  C  Y N 235 
PHE CE1  C  Y N 236 
PHE CE2  C  Y N 237 
PHE CZ   C  Y N 238 
PHE OXT  O  N N 239 
PHE H    H  N N 240 
PHE H2   H  N N 241 
PHE HA   H  N N 242 
PHE HB2  H  N N 243 
PHE HB3  H  N N 244 
PHE HD1  H  N N 245 
PHE HD2  H  N N 246 
PHE HE1  H  N N 247 
PHE HE2  H  N N 248 
PHE HZ   H  N N 249 
PHE HXT  H  N N 250 
PRO N    N  N N 251 
PRO CA   C  N S 252 
PRO C    C  N N 253 
PRO O    O  N N 254 
PRO CB   C  N N 255 
PRO CG   C  N N 256 
PRO CD   C  N N 257 
PRO OXT  O  N N 258 
PRO H    H  N N 259 
PRO HA   H  N N 260 
PRO HB2  H  N N 261 
PRO HB3  H  N N 262 
PRO HG2  H  N N 263 
PRO HG3  H  N N 264 
PRO HD2  H  N N 265 
PRO HD3  H  N N 266 
PRO HXT  H  N N 267 
SER N    N  N N 268 
SER CA   C  N S 269 
SER C    C  N N 270 
SER O    O  N N 271 
SER CB   C  N N 272 
SER OG   O  N N 273 
SER OXT  O  N N 274 
SER H    H  N N 275 
SER H2   H  N N 276 
SER HA   H  N N 277 
SER HB2  H  N N 278 
SER HB3  H  N N 279 
SER HG   H  N N 280 
SER HXT  H  N N 281 
THR N    N  N N 282 
THR CA   C  N S 283 
THR C    C  N N 284 
THR O    O  N N 285 
THR CB   C  N R 286 
THR OG1  O  N N 287 
THR CG2  C  N N 288 
THR OXT  O  N N 289 
THR H    H  N N 290 
THR H2   H  N N 291 
THR HA   H  N N 292 
THR HB   H  N N 293 
THR HG1  H  N N 294 
THR HG21 H  N N 295 
THR HG22 H  N N 296 
THR HG23 H  N N 297 
THR HXT  H  N N 298 
TRP N    N  N N 299 
TRP CA   C  N S 300 
TRP C    C  N N 301 
TRP O    O  N N 302 
TRP CB   C  N N 303 
TRP CG   C  Y N 304 
TRP CD1  C  Y N 305 
TRP CD2  C  Y N 306 
TRP NE1  N  Y N 307 
TRP CE2  C  Y N 308 
TRP CE3  C  Y N 309 
TRP CZ2  C  Y N 310 
TRP CZ3  C  Y N 311 
TRP CH2  C  Y N 312 
TRP OXT  O  N N 313 
TRP H    H  N N 314 
TRP H2   H  N N 315 
TRP HA   H  N N 316 
TRP HB2  H  N N 317 
TRP HB3  H  N N 318 
TRP HD1  H  N N 319 
TRP HE1  H  N N 320 
TRP HE3  H  N N 321 
TRP HZ2  H  N N 322 
TRP HZ3  H  N N 323 
TRP HH2  H  N N 324 
TRP HXT  H  N N 325 
TYR N    N  N N 326 
TYR CA   C  N S 327 
TYR C    C  N N 328 
TYR O    O  N N 329 
TYR CB   C  N N 330 
TYR CG   C  Y N 331 
TYR CD1  C  Y N 332 
TYR CD2  C  Y N 333 
TYR CE1  C  Y N 334 
TYR CE2  C  Y N 335 
TYR CZ   C  Y N 336 
TYR OH   O  N N 337 
TYR OXT  O  N N 338 
TYR H    H  N N 339 
TYR H2   H  N N 340 
TYR HA   H  N N 341 
TYR HB2  H  N N 342 
TYR HB3  H  N N 343 
TYR HD1  H  N N 344 
TYR HD2  H  N N 345 
TYR HE1  H  N N 346 
TYR HE2  H  N N 347 
TYR HH   H  N N 348 
TYR HXT  H  N N 349 
VAL N    N  N N 350 
VAL CA   C  N S 351 
VAL C    C  N N 352 
VAL O    O  N N 353 
VAL CB   C  N N 354 
VAL CG1  C  N N 355 
VAL CG2  C  N N 356 
VAL OXT  O  N N 357 
VAL H    H  N N 358 
VAL H2   H  N N 359 
VAL HA   H  N N 360 
VAL HB   H  N N 361 
VAL HG11 H  N N 362 
VAL HG12 H  N N 363 
VAL HG13 H  N N 364 
VAL HG21 H  N N 365 
VAL HG22 H  N N 366 
VAL HG23 H  N N 367 
VAL HXT  H  N N 368 
ZN  ZN   ZN N N 369 
# 
loop_
_chem_comp_bond.comp_id 
_chem_comp_bond.atom_id_1 
_chem_comp_bond.atom_id_2 
_chem_comp_bond.value_order 
_chem_comp_bond.pdbx_aromatic_flag 
_chem_comp_bond.pdbx_stereo_config 
_chem_comp_bond.pdbx_ordinal 
ALA N   CA   sing N N 1   
ALA N   H    sing N N 2   
ALA N   H2   sing N N 3   
ALA CA  C    sing N N 4   
ALA CA  CB   sing N N 5   
ALA CA  HA   sing N N 6   
ALA C   O    doub N N 7   
ALA C   OXT  sing N N 8   
ALA CB  HB1  sing N N 9   
ALA CB  HB2  sing N N 10  
ALA CB  HB3  sing N N 11  
ALA OXT HXT  sing N N 12  
ARG N   CA   sing N N 13  
ARG N   H    sing N N 14  
ARG N   H2   sing N N 15  
ARG CA  C    sing N N 16  
ARG CA  CB   sing N N 17  
ARG CA  HA   sing N N 18  
ARG C   O    doub N N 19  
ARG C   OXT  sing N N 20  
ARG CB  CG   sing N N 21  
ARG CB  HB2  sing N N 22  
ARG CB  HB3  sing N N 23  
ARG CG  CD   sing N N 24  
ARG CG  HG2  sing N N 25  
ARG CG  HG3  sing N N 26  
ARG CD  NE   sing N N 27  
ARG CD  HD2  sing N N 28  
ARG CD  HD3  sing N N 29  
ARG NE  CZ   sing N N 30  
ARG NE  HE   sing N N 31  
ARG CZ  NH1  sing N N 32  
ARG CZ  NH2  doub N N 33  
ARG NH1 HH11 sing N N 34  
ARG NH1 HH12 sing N N 35  
ARG NH2 HH21 sing N N 36  
ARG NH2 HH22 sing N N 37  
ARG OXT HXT  sing N N 38  
ASN N   CA   sing N N 39  
ASN N   H    sing N N 40  
ASN N   H2   sing N N 41  
ASN CA  C    sing N N 42  
ASN CA  CB   sing N N 43  
ASN CA  HA   sing N N 44  
ASN C   O    doub N N 45  
ASN C   OXT  sing N N 46  
ASN CB  CG   sing N N 47  
ASN CB  HB2  sing N N 48  
ASN CB  HB3  sing N N 49  
ASN CG  OD1  doub N N 50  
ASN CG  ND2  sing N N 51  
ASN ND2 HD21 sing N N 52  
ASN ND2 HD22 sing N N 53  
ASN OXT HXT  sing N N 54  
ASP N   CA   sing N N 55  
ASP N   H    sing N N 56  
ASP N   H2   sing N N 57  
ASP CA  C    sing N N 58  
ASP CA  CB   sing N N 59  
ASP CA  HA   sing N N 60  
ASP C   O    doub N N 61  
ASP C   OXT  sing N N 62  
ASP CB  CG   sing N N 63  
ASP CB  HB2  sing N N 64  
ASP CB  HB3  sing N N 65  
ASP CG  OD1  doub N N 66  
ASP CG  OD2  sing N N 67  
ASP OD2 HD2  sing N N 68  
ASP OXT HXT  sing N N 69  
CYS N   CA   sing N N 70  
CYS N   H    sing N N 71  
CYS N   H2   sing N N 72  
CYS CA  C    sing N N 73  
CYS CA  CB   sing N N 74  
CYS CA  HA   sing N N 75  
CYS C   O    doub N N 76  
CYS C   OXT  sing N N 77  
CYS CB  SG   sing N N 78  
CYS CB  HB2  sing N N 79  
CYS CB  HB3  sing N N 80  
CYS SG  HG   sing N N 81  
CYS OXT HXT  sing N N 82  
GLN N   CA   sing N N 83  
GLN N   H    sing N N 84  
GLN N   H2   sing N N 85  
GLN CA  C    sing N N 86  
GLN CA  CB   sing N N 87  
GLN CA  HA   sing N N 88  
GLN C   O    doub N N 89  
GLN C   OXT  sing N N 90  
GLN CB  CG   sing N N 91  
GLN CB  HB2  sing N N 92  
GLN CB  HB3  sing N N 93  
GLN CG  CD   sing N N 94  
GLN CG  HG2  sing N N 95  
GLN CG  HG3  sing N N 96  
GLN CD  OE1  doub N N 97  
GLN CD  NE2  sing N N 98  
GLN NE2 HE21 sing N N 99  
GLN NE2 HE22 sing N N 100 
GLN OXT HXT  sing N N 101 
GLU N   CA   sing N N 102 
GLU N   H    sing N N 103 
GLU N   H2   sing N N 104 
GLU CA  C    sing N N 105 
GLU CA  CB   sing N N 106 
GLU CA  HA   sing N N 107 
GLU C   O    doub N N 108 
GLU C   OXT  sing N N 109 
GLU CB  CG   sing N N 110 
GLU CB  HB2  sing N N 111 
GLU CB  HB3  sing N N 112 
GLU CG  CD   sing N N 113 
GLU CG  HG2  sing N N 114 
GLU CG  HG3  sing N N 115 
GLU CD  OE1  doub N N 116 
GLU CD  OE2  sing N N 117 
GLU OE2 HE2  sing N N 118 
GLU OXT HXT  sing N N 119 
GLY N   CA   sing N N 120 
GLY N   H    sing N N 121 
GLY N   H2   sing N N 122 
GLY CA  C    sing N N 123 
GLY CA  HA2  sing N N 124 
GLY CA  HA3  sing N N 125 
GLY C   O    doub N N 126 
GLY C   OXT  sing N N 127 
GLY OXT HXT  sing N N 128 
HIS N   CA   sing N N 129 
HIS N   H    sing N N 130 
HIS N   H2   sing N N 131 
HIS CA  C    sing N N 132 
HIS CA  CB   sing N N 133 
HIS CA  HA   sing N N 134 
HIS C   O    doub N N 135 
HIS C   OXT  sing N N 136 
HIS CB  CG   sing N N 137 
HIS CB  HB2  sing N N 138 
HIS CB  HB3  sing N N 139 
HIS CG  ND1  sing Y N 140 
HIS CG  CD2  doub Y N 141 
HIS ND1 CE1  doub Y N 142 
HIS ND1 HD1  sing N N 143 
HIS CD2 NE2  sing Y N 144 
HIS CD2 HD2  sing N N 145 
HIS CE1 NE2  sing Y N 146 
HIS CE1 HE1  sing N N 147 
HIS NE2 HE2  sing N N 148 
HIS OXT HXT  sing N N 149 
HOH O   H1   sing N N 150 
HOH O   H2   sing N N 151 
LEU N   CA   sing N N 152 
LEU N   H    sing N N 153 
LEU N   H2   sing N N 154 
LEU CA  C    sing N N 155 
LEU CA  CB   sing N N 156 
LEU CA  HA   sing N N 157 
LEU C   O    doub N N 158 
LEU C   OXT  sing N N 159 
LEU CB  CG   sing N N 160 
LEU CB  HB2  sing N N 161 
LEU CB  HB3  sing N N 162 
LEU CG  CD1  sing N N 163 
LEU CG  CD2  sing N N 164 
LEU CG  HG   sing N N 165 
LEU CD1 HD11 sing N N 166 
LEU CD1 HD12 sing N N 167 
LEU CD1 HD13 sing N N 168 
LEU CD2 HD21 sing N N 169 
LEU CD2 HD22 sing N N 170 
LEU CD2 HD23 sing N N 171 
LEU OXT HXT  sing N N 172 
LYS N   CA   sing N N 173 
LYS N   H    sing N N 174 
LYS N   H2   sing N N 175 
LYS CA  C    sing N N 176 
LYS CA  CB   sing N N 177 
LYS CA  HA   sing N N 178 
LYS C   O    doub N N 179 
LYS C   OXT  sing N N 180 
LYS CB  CG   sing N N 181 
LYS CB  HB2  sing N N 182 
LYS CB  HB3  sing N N 183 
LYS CG  CD   sing N N 184 
LYS CG  HG2  sing N N 185 
LYS CG  HG3  sing N N 186 
LYS CD  CE   sing N N 187 
LYS CD  HD2  sing N N 188 
LYS CD  HD3  sing N N 189 
LYS CE  NZ   sing N N 190 
LYS CE  HE2  sing N N 191 
LYS CE  HE3  sing N N 192 
LYS NZ  HZ1  sing N N 193 
LYS NZ  HZ2  sing N N 194 
LYS NZ  HZ3  sing N N 195 
LYS OXT HXT  sing N N 196 
MET N   CA   sing N N 197 
MET N   H    sing N N 198 
MET N   H2   sing N N 199 
MET CA  C    sing N N 200 
MET CA  CB   sing N N 201 
MET CA  HA   sing N N 202 
MET C   O    doub N N 203 
MET C   OXT  sing N N 204 
MET CB  CG   sing N N 205 
MET CB  HB2  sing N N 206 
MET CB  HB3  sing N N 207 
MET CG  SD   sing N N 208 
MET CG  HG2  sing N N 209 
MET CG  HG3  sing N N 210 
MET SD  CE   sing N N 211 
MET CE  HE1  sing N N 212 
MET CE  HE2  sing N N 213 
MET CE  HE3  sing N N 214 
MET OXT HXT  sing N N 215 
PHE N   CA   sing N N 216 
PHE N   H    sing N N 217 
PHE N   H2   sing N N 218 
PHE CA  C    sing N N 219 
PHE CA  CB   sing N N 220 
PHE CA  HA   sing N N 221 
PHE C   O    doub N N 222 
PHE C   OXT  sing N N 223 
PHE CB  CG   sing N N 224 
PHE CB  HB2  sing N N 225 
PHE CB  HB3  sing N N 226 
PHE CG  CD1  doub Y N 227 
PHE CG  CD2  sing Y N 228 
PHE CD1 CE1  sing Y N 229 
PHE CD1 HD1  sing N N 230 
PHE CD2 CE2  doub Y N 231 
PHE CD2 HD2  sing N N 232 
PHE CE1 CZ   doub Y N 233 
PHE CE1 HE1  sing N N 234 
PHE CE2 CZ   sing Y N 235 
PHE CE2 HE2  sing N N 236 
PHE CZ  HZ   sing N N 237 
PHE OXT HXT  sing N N 238 
PRO N   CA   sing N N 239 
PRO N   CD   sing N N 240 
PRO N   H    sing N N 241 
PRO CA  C    sing N N 242 
PRO CA  CB   sing N N 243 
PRO CA  HA   sing N N 244 
PRO C   O    doub N N 245 
PRO C   OXT  sing N N 246 
PRO CB  CG   sing N N 247 
PRO CB  HB2  sing N N 248 
PRO CB  HB3  sing N N 249 
PRO CG  CD   sing N N 250 
PRO CG  HG2  sing N N 251 
PRO CG  HG3  sing N N 252 
PRO CD  HD2  sing N N 253 
PRO CD  HD3  sing N N 254 
PRO OXT HXT  sing N N 255 
SER N   CA   sing N N 256 
SER N   H    sing N N 257 
SER N   H2   sing N N 258 
SER CA  C    sing N N 259 
SER CA  CB   sing N N 260 
SER CA  HA   sing N N 261 
SER C   O    doub N N 262 
SER C   OXT  sing N N 263 
SER CB  OG   sing N N 264 
SER CB  HB2  sing N N 265 
SER CB  HB3  sing N N 266 
SER OG  HG   sing N N 267 
SER OXT HXT  sing N N 268 
THR N   CA   sing N N 269 
THR N   H    sing N N 270 
THR N   H2   sing N N 271 
THR CA  C    sing N N 272 
THR CA  CB   sing N N 273 
THR CA  HA   sing N N 274 
THR C   O    doub N N 275 
THR C   OXT  sing N N 276 
THR CB  OG1  sing N N 277 
THR CB  CG2  sing N N 278 
THR CB  HB   sing N N 279 
THR OG1 HG1  sing N N 280 
THR CG2 HG21 sing N N 281 
THR CG2 HG22 sing N N 282 
THR CG2 HG23 sing N N 283 
THR OXT HXT  sing N N 284 
TRP N   CA   sing N N 285 
TRP N   H    sing N N 286 
TRP N   H2   sing N N 287 
TRP CA  C    sing N N 288 
TRP CA  CB   sing N N 289 
TRP CA  HA   sing N N 290 
TRP C   O    doub N N 291 
TRP C   OXT  sing N N 292 
TRP CB  CG   sing N N 293 
TRP CB  HB2  sing N N 294 
TRP CB  HB3  sing N N 295 
TRP CG  CD1  doub Y N 296 
TRP CG  CD2  sing Y N 297 
TRP CD1 NE1  sing Y N 298 
TRP CD1 HD1  sing N N 299 
TRP CD2 CE2  doub Y N 300 
TRP CD2 CE3  sing Y N 301 
TRP NE1 CE2  sing Y N 302 
TRP NE1 HE1  sing N N 303 
TRP CE2 CZ2  sing Y N 304 
TRP CE3 CZ3  doub Y N 305 
TRP CE3 HE3  sing N N 306 
TRP CZ2 CH2  doub Y N 307 
TRP CZ2 HZ2  sing N N 308 
TRP CZ3 CH2  sing Y N 309 
TRP CZ3 HZ3  sing N N 310 
TRP CH2 HH2  sing N N 311 
TRP OXT HXT  sing N N 312 
TYR N   CA   sing N N 313 
TYR N   H    sing N N 314 
TYR N   H2   sing N N 315 
TYR CA  C    sing N N 316 
TYR CA  CB   sing N N 317 
TYR CA  HA   sing N N 318 
TYR C   O    doub N N 319 
TYR C   OXT  sing N N 320 
TYR CB  CG   sing N N 321 
TYR CB  HB2  sing N N 322 
TYR CB  HB3  sing N N 323 
TYR CG  CD1  doub Y N 324 
TYR CG  CD2  sing Y N 325 
TYR CD1 CE1  sing Y N 326 
TYR CD1 HD1  sing N N 327 
TYR CD2 CE2  doub Y N 328 
TYR CD2 HD2  sing N N 329 
TYR CE1 CZ   doub Y N 330 
TYR CE1 HE1  sing N N 331 
TYR CE2 CZ   sing Y N 332 
TYR CE2 HE2  sing N N 333 
TYR CZ  OH   sing N N 334 
TYR OH  HH   sing N N 335 
TYR OXT HXT  sing N N 336 
VAL N   CA   sing N N 337 
VAL N   H    sing N N 338 
VAL N   H2   sing N N 339 
VAL CA  C    sing N N 340 
VAL CA  CB   sing N N 341 
VAL CA  HA   sing N N 342 
VAL C   O    doub N N 343 
VAL C   OXT  sing N N 344 
VAL CB  CG1  sing N N 345 
VAL CB  CG2  sing N N 346 
VAL CB  HB   sing N N 347 
VAL CG1 HG11 sing N N 348 
VAL CG1 HG12 sing N N 349 
VAL CG1 HG13 sing N N 350 
VAL CG2 HG21 sing N N 351 
VAL CG2 HG22 sing N N 352 
VAL CG2 HG23 sing N N 353 
VAL OXT HXT  sing N N 354 
# 
_pdbx_audit_support.funding_organization   
'National Institutes of Health/National Institute of General Medical Sciences (NIH/NIGMS)' 
_pdbx_audit_support.country                'United States' 
_pdbx_audit_support.grant_number           R01GM108998 
_pdbx_audit_support.ordinal                1 
# 
loop_
_pdbx_entity_nonpoly.entity_id 
_pdbx_entity_nonpoly.name 
_pdbx_entity_nonpoly.comp_id 
2 'ZINC ION' ZN  
3 water      HOH 
# 
_pdbx_initial_refinement_model.id               1 
_pdbx_initial_refinement_model.entity_id_list   ? 
_pdbx_initial_refinement_model.type             'experimental model' 
_pdbx_initial_refinement_model.source_name      PDB 
_pdbx_initial_refinement_model.accession_code   1PTQ 
_pdbx_initial_refinement_model.details          ? 
# 
loop_
_pdbx_struct_assembly_auth_evidence.id 
_pdbx_struct_assembly_auth_evidence.assembly_id 
_pdbx_struct_assembly_auth_evidence.experimental_support 
_pdbx_struct_assembly_auth_evidence.details 
1 1 'gel filtration'       ? 
2 1 'NMR relaxation study' ? 
# 
